data_1KRE
#
_entry.id   1KRE
#
_cell.length_a   56.487
_cell.length_b   110.997
_cell.length_c   86.235
_cell.angle_alpha   90.00
_cell.angle_beta   99.17
_cell.angle_gamma   90.00
#
_symmetry.space_group_name_H-M   'P 1 21 1'
#
loop_
_entity.id
_entity.type
_entity.pdbx_description
1 polymer 'Mannosyl-oligosaccharide alpha-1,2-mannosidase'
2 branched 2-acetamido-2-deoxy-beta-D-glucopyranose-(1-4)-2-acetamido-2-deoxy-beta-D-glucopyranose
3 branched alpha-D-mannopyranose-(1-3)-[alpha-D-mannopyranose-(1-6)]alpha-D-mannopyranose-(1-4)-2-acetamido-2-deoxy-beta-D-glucopyranose-(1-4)-2-acetamido-2-deoxy-beta-D-glucopyranose
4 non-polymer 'CALCIUM ION'
5 non-polymer 1-DEOXYMANNOJIRIMYCIN
6 water water
#
_entity_poly.entity_id   1
_entity_poly.type   'polypeptide(L)'
_entity_poly.pdbx_seq_one_letter_code
;MRLPVSFPLTVLSLLGSTIAHPYGETEAVLRSEPKSNQAKADAVKEAFQHAWNGYMKYAFPHDELTPVSNGHADSRNGWG
ASAVDALSTAVIMGKADVVNAILEHVADIDFSKTSDTVSLFETTIRYLAGMLSGYDLLQGPAKNLVDNQDLIDGLLDQSR
NLADVLKFAFDTPSGVPYNNINITSHGNDGATTNGLAVTGTLVLEWTRLSDLTGDEEYAKLSQKAESYLLKPQPSSSEPF
PGLVGSSININDGQFADSRVSWNGGDDSFYEYLIKMYVYDPKRFETYKDRWVLAAESTIKHLKSHPKSRPDLTFLSSYSN
RNYDLSSQHLTCFDGGSFLLGGTVLDRQDFIDFGLELVDGCEATYNSTLTKIGPDSWGWDPKKVPSDQKEFYEKAGFYIS
SGSYVLRPEVIESFYYAHRVTGKEIYRDWVWNAFVAINSTCRTDSGFAAVSDVNKANGGSKYDNQESFLFAEVMKYSYLA
HSEDAAWQVQKGGKNTFVYNTEAHPISVARN
;
_entity_poly.pdbx_strand_id   A,B
#
# COMPACT_ATOMS: atom_id res chain seq x y z
N SER A 36 29.40 8.59 -22.90
CA SER A 36 28.13 9.21 -22.39
C SER A 36 27.01 8.19 -22.41
N ASN A 37 26.19 8.25 -23.46
CA ASN A 37 25.07 7.33 -23.63
C ASN A 37 25.54 5.88 -23.63
N GLN A 38 26.72 5.65 -24.19
CA GLN A 38 27.28 4.29 -24.24
C GLN A 38 27.54 3.77 -22.83
N ALA A 39 28.17 4.61 -22.00
CA ALA A 39 28.46 4.24 -20.63
C ALA A 39 27.16 4.00 -19.87
N LYS A 40 26.18 4.87 -20.11
CA LYS A 40 24.87 4.75 -19.47
C LYS A 40 24.18 3.46 -19.92
N ALA A 41 24.28 3.16 -21.21
CA ALA A 41 23.69 1.95 -21.75
C ALA A 41 24.31 0.74 -21.07
N ASP A 42 25.64 0.76 -20.92
CA ASP A 42 26.34 -0.36 -20.30
C ASP A 42 25.94 -0.49 -18.84
N ALA A 43 25.65 0.64 -18.21
CA ALA A 43 25.23 0.65 -16.81
C ALA A 43 23.90 -0.08 -16.66
N VAL A 44 22.99 0.10 -17.61
CA VAL A 44 21.70 -0.57 -17.53
C VAL A 44 21.88 -2.07 -17.72
N LYS A 45 22.79 -2.44 -18.62
CA LYS A 45 23.07 -3.85 -18.85
C LYS A 45 23.64 -4.48 -17.57
N GLU A 46 24.40 -3.71 -16.80
CA GLU A 46 24.98 -4.21 -15.54
C GLU A 46 23.85 -4.48 -14.54
N ALA A 47 22.89 -3.56 -14.49
CA ALA A 47 21.75 -3.71 -13.58
C ALA A 47 20.95 -4.96 -13.99
N PHE A 48 20.79 -5.17 -15.29
CA PHE A 48 20.07 -6.34 -15.78
C PHE A 48 20.84 -7.61 -15.39
N GLN A 49 22.14 -7.65 -15.73
CA GLN A 49 22.97 -8.81 -15.41
C GLN A 49 22.91 -9.12 -13.91
N HIS A 50 22.92 -8.07 -13.10
CA HIS A 50 22.86 -8.20 -11.65
C HIS A 50 21.61 -8.98 -11.22
N ALA A 51 20.46 -8.57 -11.73
CA ALA A 51 19.21 -9.23 -11.36
C ALA A 51 19.16 -10.63 -11.96
N TRP A 52 19.70 -10.78 -13.17
CA TRP A 52 19.68 -12.09 -13.81
C TRP A 52 20.51 -13.09 -13.00
N ASN A 53 21.68 -12.65 -12.53
CA ASN A 53 22.56 -13.51 -11.75
C ASN A 53 21.87 -13.95 -10.48
N GLY A 54 21.26 -13.00 -9.75
CA GLY A 54 20.56 -13.34 -8.53
C GLY A 54 19.39 -14.28 -8.78
N TYR A 55 18.67 -14.04 -9.87
CA TYR A 55 17.53 -14.90 -10.21
C TYR A 55 17.99 -16.32 -10.54
N MET A 56 19.03 -16.42 -11.36
CA MET A 56 19.58 -17.71 -11.76
C MET A 56 20.14 -18.42 -10.52
N LYS A 57 20.75 -17.64 -9.64
CA LYS A 57 21.36 -18.16 -8.42
C LYS A 57 20.39 -18.72 -7.38
N TYR A 58 19.26 -18.05 -7.16
CA TYR A 58 18.33 -18.52 -6.15
C TYR A 58 16.94 -18.97 -6.60
N ALA A 59 16.53 -18.64 -7.82
CA ALA A 59 15.16 -18.97 -8.24
C ALA A 59 14.91 -19.74 -9.53
N PHE A 60 15.77 -19.56 -10.52
CA PHE A 60 15.59 -20.27 -11.80
C PHE A 60 15.37 -21.76 -11.52
N PRO A 61 14.40 -22.39 -12.20
CA PRO A 61 13.49 -21.84 -13.21
C PRO A 61 12.11 -21.42 -12.68
N HIS A 62 12.02 -21.09 -11.40
CA HIS A 62 10.73 -20.67 -10.83
C HIS A 62 10.33 -19.33 -11.46
N ASP A 63 9.08 -18.94 -11.29
CA ASP A 63 8.59 -17.70 -11.90
C ASP A 63 9.38 -16.48 -11.48
N GLU A 64 9.68 -16.35 -10.20
CA GLU A 64 10.45 -15.20 -9.80
C GLU A 64 11.34 -15.35 -8.58
N LEU A 65 12.25 -14.40 -8.46
CA LEU A 65 13.18 -14.32 -7.36
C LEU A 65 12.52 -13.49 -6.26
N THR A 66 12.72 -13.86 -5.00
CA THR A 66 12.20 -13.03 -3.91
C THR A 66 13.52 -12.36 -3.52
N PRO A 67 13.69 -11.08 -3.89
CA PRO A 67 14.86 -10.25 -3.66
C PRO A 67 15.36 -9.95 -2.26
N VAL A 68 14.55 -10.15 -1.24
CA VAL A 68 15.02 -9.87 0.10
C VAL A 68 15.45 -11.14 0.82
N SER A 69 14.65 -12.20 0.68
CA SER A 69 14.98 -13.47 1.33
C SER A 69 15.85 -14.36 0.45
N ASN A 70 16.03 -13.96 -0.82
CA ASN A 70 16.82 -14.73 -1.78
C ASN A 70 16.21 -16.12 -1.94
N GLY A 71 14.94 -16.14 -2.28
CA GLY A 71 14.24 -17.40 -2.45
C GLY A 71 13.56 -17.39 -3.80
N HIS A 72 12.42 -18.06 -3.89
CA HIS A 72 11.71 -18.11 -5.16
C HIS A 72 10.21 -18.16 -4.93
N ALA A 73 9.46 -17.77 -5.95
CA ALA A 73 8.00 -17.81 -5.85
C ALA A 73 7.48 -18.09 -7.24
N ASP A 74 6.24 -18.54 -7.32
CA ASP A 74 5.64 -18.87 -8.60
C ASP A 74 4.25 -18.27 -8.69
N SER A 75 4.20 -16.96 -8.95
CA SER A 75 2.92 -16.28 -9.05
C SER A 75 2.36 -16.34 -10.46
N ARG A 76 3.09 -16.98 -11.37
CA ARG A 76 2.64 -17.07 -12.76
C ARG A 76 2.61 -18.49 -13.32
N ASN A 77 1.97 -19.38 -12.58
CA ASN A 77 1.79 -20.79 -12.96
C ASN A 77 3.02 -21.69 -13.00
N GLY A 78 4.15 -21.17 -12.57
CA GLY A 78 5.36 -21.98 -12.52
C GLY A 78 6.07 -22.33 -13.80
N TRP A 79 5.81 -21.62 -14.90
CA TRP A 79 6.51 -21.96 -16.13
C TRP A 79 7.80 -21.15 -16.29
N GLY A 80 8.13 -20.35 -15.28
CA GLY A 80 9.33 -19.54 -15.36
C GLY A 80 9.15 -18.16 -15.97
N ALA A 81 8.20 -17.40 -15.44
CA ALA A 81 7.89 -16.07 -15.95
C ALA A 81 9.09 -15.12 -16.14
N SER A 82 9.95 -15.03 -15.13
CA SER A 82 11.09 -14.13 -15.20
C SER A 82 12.09 -14.48 -16.30
N ALA A 83 12.16 -15.76 -16.66
CA ALA A 83 13.07 -16.18 -17.71
C ALA A 83 12.49 -15.80 -19.08
N VAL A 84 11.21 -16.08 -19.29
CA VAL A 84 10.57 -15.78 -20.56
C VAL A 84 10.44 -14.29 -20.81
N ASP A 85 10.07 -13.54 -19.77
CA ASP A 85 9.92 -12.09 -19.89
C ASP A 85 11.25 -11.42 -20.13
N ALA A 86 12.33 -12.02 -19.66
CA ALA A 86 13.68 -11.47 -19.84
C ALA A 86 14.25 -11.70 -21.23
N LEU A 87 13.66 -12.64 -21.98
CA LEU A 87 14.15 -12.99 -23.31
C LEU A 87 14.35 -11.83 -24.29
N SER A 88 13.27 -11.11 -24.60
CA SER A 88 13.39 -10.01 -25.56
C SER A 88 14.40 -8.97 -25.13
N THR A 89 14.51 -8.71 -23.83
CA THR A 89 15.48 -7.73 -23.35
C THR A 89 16.91 -8.26 -23.52
N ALA A 90 17.15 -9.50 -23.14
CA ALA A 90 18.49 -10.09 -23.30
C ALA A 90 18.91 -10.07 -24.77
N VAL A 91 18.00 -10.43 -25.66
CA VAL A 91 18.33 -10.43 -27.09
C VAL A 91 18.73 -9.03 -27.55
N ILE A 92 17.97 -8.02 -27.15
CA ILE A 92 18.27 -6.66 -27.55
C ILE A 92 19.59 -6.18 -26.96
N MET A 93 19.91 -6.65 -25.75
CA MET A 93 21.17 -6.26 -25.13
C MET A 93 22.34 -7.10 -25.66
N GLY A 94 22.03 -8.08 -26.52
CA GLY A 94 23.07 -8.93 -27.07
C GLY A 94 23.72 -9.87 -26.08
N LYS A 95 22.99 -10.30 -25.06
CA LYS A 95 23.54 -11.23 -24.08
C LYS A 95 23.22 -12.66 -24.49
N ALA A 96 24.09 -13.24 -25.30
CA ALA A 96 23.92 -14.59 -25.82
C ALA A 96 23.78 -15.67 -24.76
N ASP A 97 24.62 -15.61 -23.72
CA ASP A 97 24.56 -16.61 -22.65
C ASP A 97 23.18 -16.64 -22.02
N VAL A 98 22.63 -15.47 -21.75
CA VAL A 98 21.31 -15.39 -21.15
C VAL A 98 20.25 -15.93 -22.10
N VAL A 99 20.32 -15.53 -23.37
CA VAL A 99 19.37 -15.99 -24.38
C VAL A 99 19.35 -17.52 -24.47
N ASN A 100 20.52 -18.13 -24.63
CA ASN A 100 20.59 -19.59 -24.74
C ASN A 100 20.00 -20.32 -23.55
N ALA A 101 20.31 -19.84 -22.35
CA ALA A 101 19.78 -20.47 -21.16
C ALA A 101 18.25 -20.41 -21.14
N ILE A 102 17.70 -19.28 -21.54
CA ILE A 102 16.25 -19.15 -21.57
C ILE A 102 15.63 -20.04 -22.64
N LEU A 103 16.28 -20.12 -23.80
CA LEU A 103 15.77 -20.95 -24.89
C LEU A 103 15.73 -22.42 -24.52
N GLU A 104 16.74 -22.87 -23.78
CA GLU A 104 16.77 -24.27 -23.39
C GLU A 104 15.70 -24.56 -22.34
N HIS A 105 15.33 -23.56 -21.56
CA HIS A 105 14.29 -23.76 -20.58
C HIS A 105 12.91 -23.75 -21.23
N VAL A 106 12.75 -22.93 -22.27
CA VAL A 106 11.47 -22.85 -22.97
C VAL A 106 11.15 -24.18 -23.63
N ALA A 107 12.20 -24.90 -24.01
CA ALA A 107 12.06 -26.19 -24.67
C ALA A 107 11.51 -27.29 -23.74
N ASP A 108 11.71 -27.16 -22.44
CA ASP A 108 11.21 -28.21 -21.56
C ASP A 108 9.98 -27.79 -20.77
N ILE A 109 9.38 -26.67 -21.15
CA ILE A 109 8.17 -26.21 -20.45
C ILE A 109 6.99 -27.03 -20.93
N ASP A 110 6.16 -27.50 -20.00
CA ASP A 110 4.95 -28.23 -20.37
C ASP A 110 3.80 -27.32 -19.98
N PHE A 111 3.34 -26.51 -20.93
CA PHE A 111 2.26 -25.57 -20.66
C PHE A 111 0.94 -26.20 -20.33
N SER A 112 0.87 -27.53 -20.36
CA SER A 112 -0.39 -28.19 -20.04
C SER A 112 -0.49 -28.48 -18.55
N LYS A 113 0.59 -28.27 -17.82
CA LYS A 113 0.58 -28.55 -16.40
C LYS A 113 0.87 -27.38 -15.47
N THR A 114 -0.03 -27.16 -14.52
CA THR A 114 0.11 -26.12 -13.53
C THR A 114 -0.86 -26.43 -12.40
N SER A 115 -0.49 -26.07 -11.18
CA SER A 115 -1.34 -26.33 -10.02
C SER A 115 -2.20 -25.12 -9.67
N ASP A 116 -2.07 -24.05 -10.43
CA ASP A 116 -2.85 -22.85 -10.18
C ASP A 116 -3.76 -22.48 -11.33
N THR A 117 -4.78 -21.68 -11.02
CA THR A 117 -5.71 -21.23 -12.05
C THR A 117 -4.89 -20.28 -12.91
N VAL A 118 -5.27 -20.12 -14.18
CA VAL A 118 -4.51 -19.23 -15.03
C VAL A 118 -5.28 -18.02 -15.54
N SER A 119 -4.58 -16.89 -15.58
CA SER A 119 -5.15 -15.64 -16.06
C SER A 119 -4.86 -15.58 -17.54
N LEU A 120 -5.91 -15.55 -18.35
CA LEU A 120 -5.73 -15.49 -19.79
C LEU A 120 -4.92 -14.27 -20.19
N PHE A 121 -5.20 -13.15 -19.54
CA PHE A 121 -4.51 -11.90 -19.83
C PHE A 121 -3.02 -11.91 -19.45
N GLU A 122 -2.70 -12.26 -18.22
CA GLU A 122 -1.29 -12.28 -17.81
C GLU A 122 -0.48 -13.28 -18.62
N THR A 123 -1.05 -14.45 -18.88
CA THR A 123 -0.33 -15.48 -19.63
C THR A 123 -0.08 -15.03 -21.07
N THR A 124 -1.06 -14.33 -21.62
CA THR A 124 -0.94 -13.83 -22.98
C THR A 124 0.13 -12.73 -23.13
N ILE A 125 0.08 -11.70 -22.28
CA ILE A 125 1.05 -10.61 -22.39
C ILE A 125 2.48 -10.89 -21.95
N ARG A 126 2.69 -11.89 -21.10
CA ARG A 126 4.06 -12.19 -20.69
C ARG A 126 4.61 -13.39 -21.48
N TYR A 127 4.00 -14.55 -21.28
CA TYR A 127 4.46 -15.77 -21.94
C TYR A 127 4.31 -15.82 -23.46
N LEU A 128 3.09 -15.66 -23.95
CA LEU A 128 2.83 -15.70 -25.39
C LEU A 128 3.62 -14.64 -26.12
N ALA A 129 3.47 -13.38 -25.70
CA ALA A 129 4.18 -12.29 -26.36
C ALA A 129 5.70 -12.44 -26.17
N GLY A 130 6.12 -12.88 -25.00
CA GLY A 130 7.54 -13.06 -24.75
C GLY A 130 8.21 -14.04 -25.73
N MET A 131 7.59 -15.20 -25.95
CA MET A 131 8.16 -16.18 -26.87
C MET A 131 8.05 -15.71 -28.33
N LEU A 132 6.91 -15.11 -28.67
CA LEU A 132 6.69 -14.60 -30.02
C LEU A 132 7.70 -13.50 -30.31
N SER A 133 7.94 -12.65 -29.31
CA SER A 133 8.87 -11.55 -29.46
C SER A 133 10.28 -12.09 -29.74
N GLY A 134 10.71 -13.06 -28.93
CA GLY A 134 12.02 -13.64 -29.12
C GLY A 134 12.11 -14.21 -30.53
N TYR A 135 11.05 -14.86 -30.98
CA TYR A 135 11.05 -15.43 -32.32
C TYR A 135 11.24 -14.35 -33.39
N ASP A 136 10.39 -13.31 -33.37
CA ASP A 136 10.51 -12.25 -34.37
C ASP A 136 11.87 -11.57 -34.32
N LEU A 137 12.41 -11.42 -33.12
CA LEU A 137 13.71 -10.79 -32.95
C LEU A 137 14.88 -11.65 -33.44
N LEU A 138 14.89 -12.91 -33.02
CA LEU A 138 15.97 -13.82 -33.39
C LEU A 138 15.90 -14.24 -34.86
N GLN A 139 14.74 -14.07 -35.47
CA GLN A 139 14.53 -14.46 -36.86
C GLN A 139 14.80 -13.25 -37.74
N GLY A 140 14.95 -12.08 -37.13
CA GLY A 140 15.18 -10.88 -37.90
C GLY A 140 16.44 -10.10 -37.57
N PRO A 141 16.29 -8.90 -36.98
CA PRO A 141 17.43 -8.04 -36.61
C PRO A 141 18.51 -8.67 -35.74
N ALA A 142 18.19 -9.77 -35.08
CA ALA A 142 19.17 -10.43 -34.20
C ALA A 142 19.50 -11.86 -34.64
N LYS A 143 19.36 -12.13 -35.94
CA LYS A 143 19.62 -13.44 -36.50
C LYS A 143 21.00 -14.04 -36.22
N ASN A 144 22.01 -13.19 -36.02
CA ASN A 144 23.36 -13.68 -35.78
C ASN A 144 23.73 -13.90 -34.32
N LEU A 145 22.75 -13.88 -33.42
CA LEU A 145 23.03 -14.03 -32.01
C LEU A 145 23.04 -15.46 -31.47
N VAL A 146 22.19 -16.32 -32.02
CA VAL A 146 22.11 -17.71 -31.56
C VAL A 146 22.39 -18.69 -32.71
N ASP A 147 23.00 -19.82 -32.38
CA ASP A 147 23.32 -20.83 -33.38
C ASP A 147 22.22 -21.87 -33.55
N ASN A 148 21.77 -22.44 -32.43
CA ASN A 148 20.75 -23.47 -32.45
C ASN A 148 19.43 -22.99 -33.04
N GLN A 149 19.23 -23.24 -34.33
CA GLN A 149 18.01 -22.83 -35.01
C GLN A 149 16.80 -23.58 -34.49
N ASP A 150 17.06 -24.76 -33.91
CA ASP A 150 15.98 -25.58 -33.38
C ASP A 150 15.38 -24.99 -32.11
N LEU A 151 16.18 -24.28 -31.32
CA LEU A 151 15.67 -23.66 -30.11
C LEU A 151 14.86 -22.43 -30.47
N ILE A 152 15.20 -21.80 -31.59
CA ILE A 152 14.49 -20.61 -32.05
C ILE A 152 13.14 -21.02 -32.58
N ASP A 153 13.10 -22.02 -33.44
CA ASP A 153 11.84 -22.48 -34.00
C ASP A 153 10.96 -23.00 -32.87
N GLY A 154 11.58 -23.51 -31.83
CA GLY A 154 10.83 -24.02 -30.70
C GLY A 154 9.98 -22.95 -30.04
N LEU A 155 10.35 -21.68 -30.25
CA LEU A 155 9.59 -20.57 -29.67
C LEU A 155 8.17 -20.51 -30.23
N LEU A 156 8.06 -20.72 -31.54
CA LEU A 156 6.78 -20.67 -32.21
C LEU A 156 5.94 -21.90 -31.86
N ASP A 157 6.58 -23.06 -31.84
CA ASP A 157 5.88 -24.28 -31.53
C ASP A 157 5.24 -24.17 -30.14
N GLN A 158 6.03 -23.72 -29.17
CA GLN A 158 5.52 -23.57 -27.80
C GLN A 158 4.44 -22.49 -27.68
N SER A 159 4.55 -21.43 -28.49
CA SER A 159 3.55 -20.36 -28.47
C SER A 159 2.23 -20.96 -28.93
N ARG A 160 2.30 -21.83 -29.94
CA ARG A 160 1.12 -22.49 -30.46
C ARG A 160 0.54 -23.46 -29.44
N ASN A 161 1.40 -24.22 -28.76
CA ASN A 161 0.94 -25.16 -27.75
C ASN A 161 0.23 -24.42 -26.63
N LEU A 162 0.78 -23.27 -26.24
CA LEU A 162 0.19 -22.47 -25.18
C LEU A 162 -1.19 -21.95 -25.59
N ALA A 163 -1.31 -21.39 -26.78
CA ALA A 163 -2.61 -20.88 -27.23
C ALA A 163 -3.62 -22.04 -27.29
N ASP A 164 -3.16 -23.20 -27.75
CA ASP A 164 -4.03 -24.37 -27.86
C ASP A 164 -4.57 -24.83 -26.51
N VAL A 165 -3.80 -24.63 -25.45
CA VAL A 165 -4.25 -25.03 -24.13
C VAL A 165 -5.20 -23.99 -23.51
N LEU A 166 -5.09 -22.76 -23.99
CA LEU A 166 -5.90 -21.65 -23.46
C LEU A 166 -7.14 -21.27 -24.27
N LYS A 167 -7.19 -21.64 -25.54
CA LYS A 167 -8.30 -21.23 -26.40
C LYS A 167 -9.73 -21.58 -25.99
N PHE A 168 -9.91 -22.55 -25.12
CA PHE A 168 -11.24 -22.93 -24.69
C PHE A 168 -11.87 -21.80 -23.89
N ALA A 169 -11.03 -20.89 -23.41
CA ALA A 169 -11.50 -19.75 -22.63
C ALA A 169 -12.47 -18.90 -23.45
N PHE A 170 -12.24 -18.84 -24.76
CA PHE A 170 -13.09 -18.05 -25.65
C PHE A 170 -14.40 -18.74 -26.03
N ASP A 171 -14.58 -19.98 -25.62
CA ASP A 171 -15.78 -20.74 -25.96
C ASP A 171 -16.97 -20.38 -25.08
N THR A 172 -17.46 -19.17 -25.24
CA THR A 172 -18.59 -18.69 -24.46
C THR A 172 -19.71 -18.29 -25.43
N PRO A 173 -20.88 -17.89 -24.92
CA PRO A 173 -21.97 -17.49 -25.82
C PRO A 173 -21.61 -16.36 -26.79
N SER A 174 -20.93 -15.33 -26.28
CA SER A 174 -20.57 -14.17 -27.09
C SER A 174 -19.21 -14.21 -27.77
N GLY A 175 -18.24 -14.84 -27.10
CA GLY A 175 -16.90 -14.88 -27.66
C GLY A 175 -16.00 -14.13 -26.70
N VAL A 176 -16.62 -13.42 -25.76
CA VAL A 176 -15.89 -12.70 -24.73
C VAL A 176 -15.45 -13.82 -23.80
N PRO A 177 -14.14 -13.98 -23.61
CA PRO A 177 -13.63 -15.05 -22.74
C PRO A 177 -13.75 -14.88 -21.24
N TYR A 178 -13.47 -15.99 -20.56
CA TYR A 178 -13.42 -16.02 -19.11
C TYR A 178 -11.94 -15.78 -18.92
N ASN A 179 -11.57 -14.83 -18.05
CA ASN A 179 -10.16 -14.57 -17.85
C ASN A 179 -9.46 -15.55 -16.92
N ASN A 180 -10.18 -15.99 -15.89
CA ASN A 180 -9.61 -16.91 -14.92
C ASN A 180 -10.11 -18.33 -15.19
N ILE A 181 -9.23 -19.16 -15.71
CA ILE A 181 -9.60 -20.52 -16.07
C ILE A 181 -8.76 -21.61 -15.41
N ASN A 182 -9.27 -22.84 -15.50
CA ASN A 182 -8.59 -24.02 -14.97
C ASN A 182 -8.33 -24.83 -16.23
N ILE A 183 -7.07 -24.86 -16.68
CA ILE A 183 -6.73 -25.56 -17.92
C ILE A 183 -6.83 -27.07 -17.89
N THR A 184 -6.98 -27.65 -16.71
CA THR A 184 -7.09 -29.10 -16.62
C THR A 184 -8.55 -29.52 -16.75
N SER A 185 -9.43 -28.88 -15.99
CA SER A 185 -10.85 -29.21 -16.05
C SER A 185 -11.65 -28.40 -17.07
N HIS A 186 -11.04 -27.33 -17.60
CA HIS A 186 -11.71 -26.46 -18.57
C HIS A 186 -12.74 -25.62 -17.83
N GLY A 187 -12.67 -25.66 -16.50
CA GLY A 187 -13.60 -24.90 -15.69
C GLY A 187 -13.22 -23.44 -15.60
N ASN A 188 -14.00 -22.65 -14.88
CA ASN A 188 -13.71 -21.24 -14.76
C ASN A 188 -14.12 -20.63 -13.43
N ASP A 189 -13.96 -19.31 -13.39
CA ASP A 189 -14.24 -18.42 -12.28
C ASP A 189 -15.71 -18.39 -11.85
N GLY A 190 -16.61 -18.58 -12.81
CA GLY A 190 -18.03 -18.50 -12.51
C GLY A 190 -18.43 -17.05 -12.73
N ALA A 191 -17.47 -16.24 -13.17
CA ALA A 191 -17.69 -14.82 -13.44
C ALA A 191 -18.74 -14.59 -14.52
N THR A 192 -19.48 -13.50 -14.39
CA THR A 192 -20.50 -13.15 -15.38
C THR A 192 -19.98 -12.05 -16.30
N THR A 193 -18.98 -11.30 -15.86
CA THR A 193 -18.43 -10.23 -16.69
C THR A 193 -16.91 -10.37 -16.81
N ASN A 194 -16.34 -9.75 -17.83
CA ASN A 194 -14.89 -9.77 -18.02
C ASN A 194 -14.46 -8.31 -18.13
N GLY A 195 -13.31 -7.98 -17.55
CA GLY A 195 -12.82 -6.62 -17.57
C GLY A 195 -12.49 -6.11 -18.96
N LEU A 196 -12.48 -4.79 -19.12
CA LEU A 196 -12.18 -4.13 -20.38
C LEU A 196 -10.76 -4.42 -20.88
N ALA A 197 -9.75 -4.14 -20.04
CA ALA A 197 -8.37 -4.36 -20.43
C ALA A 197 -8.08 -5.85 -20.63
N VAL A 198 -8.56 -6.69 -19.72
CA VAL A 198 -8.31 -8.12 -19.87
C VAL A 198 -8.96 -8.67 -21.11
N THR A 199 -10.01 -8.01 -21.61
CA THR A 199 -10.66 -8.46 -22.83
C THR A 199 -10.01 -7.84 -24.07
N GLY A 200 -9.60 -6.57 -23.97
CA GLY A 200 -9.03 -5.88 -25.11
C GLY A 200 -7.52 -5.85 -25.25
N THR A 201 -6.82 -6.68 -24.48
CA THR A 201 -5.38 -6.69 -24.55
C THR A 201 -4.86 -8.07 -24.90
N LEU A 202 -5.52 -8.70 -25.88
CA LEU A 202 -5.17 -10.05 -26.33
C LEU A 202 -4.97 -10.12 -27.84
N VAL A 203 -5.68 -9.25 -28.55
CA VAL A 203 -5.65 -9.24 -30.01
C VAL A 203 -4.30 -9.12 -30.72
N LEU A 204 -3.37 -8.39 -30.14
CA LEU A 204 -2.08 -8.21 -30.77
C LEU A 204 -1.29 -9.53 -30.83
N GLU A 205 -1.21 -10.22 -29.72
CA GLU A 205 -0.45 -11.45 -29.70
C GLU A 205 -1.16 -12.67 -30.31
N TRP A 206 -2.47 -12.75 -30.19
CA TRP A 206 -3.18 -13.89 -30.77
C TRP A 206 -3.25 -13.72 -32.29
N THR A 207 -3.28 -12.50 -32.78
CA THR A 207 -3.31 -12.27 -34.23
C THR A 207 -1.93 -12.53 -34.78
N ARG A 208 -0.90 -12.17 -34.02
CA ARG A 208 0.46 -12.40 -34.48
C ARG A 208 0.73 -13.90 -34.62
N LEU A 209 0.15 -14.70 -33.73
CA LEU A 209 0.34 -16.15 -33.78
C LEU A 209 -0.29 -16.71 -35.06
N SER A 210 -1.45 -16.17 -35.44
CA SER A 210 -2.13 -16.59 -36.67
C SER A 210 -1.31 -16.23 -37.88
N ASP A 211 -0.82 -14.99 -37.94
CA ASP A 211 -0.02 -14.56 -39.08
C ASP A 211 1.26 -15.38 -39.25
N LEU A 212 1.78 -15.94 -38.16
CA LEU A 212 3.02 -16.72 -38.23
C LEU A 212 2.79 -18.21 -38.49
N THR A 213 1.64 -18.72 -38.05
CA THR A 213 1.34 -20.13 -38.23
C THR A 213 0.49 -20.40 -39.46
N GLY A 214 -0.24 -19.38 -39.91
CA GLY A 214 -1.10 -19.55 -41.07
C GLY A 214 -2.43 -20.09 -40.62
N ASP A 215 -2.57 -20.31 -39.31
CA ASP A 215 -3.82 -20.80 -38.74
C ASP A 215 -4.63 -19.61 -38.25
N GLU A 216 -5.73 -19.31 -38.94
CA GLU A 216 -6.61 -18.18 -38.64
C GLU A 216 -7.41 -18.25 -37.35
N GLU A 217 -7.51 -19.43 -36.77
CA GLU A 217 -8.29 -19.61 -35.54
C GLU A 217 -7.96 -18.62 -34.42
N TYR A 218 -6.67 -18.40 -34.18
CA TYR A 218 -6.22 -17.51 -33.11
C TYR A 218 -6.67 -16.06 -33.29
N ALA A 219 -6.57 -15.55 -34.52
CA ALA A 219 -6.98 -14.18 -34.80
C ALA A 219 -8.51 -14.04 -34.72
N LYS A 220 -9.23 -15.05 -35.19
CA LYS A 220 -10.69 -14.98 -35.18
C LYS A 220 -11.24 -14.91 -33.77
N LEU A 221 -10.72 -15.76 -32.89
CA LEU A 221 -11.17 -15.80 -31.53
C LEU A 221 -10.96 -14.44 -30.84
N SER A 222 -9.71 -13.97 -30.84
CA SER A 222 -9.41 -12.70 -30.18
C SER A 222 -10.13 -11.52 -30.81
N GLN A 223 -10.18 -11.48 -32.14
CA GLN A 223 -10.85 -10.38 -32.82
C GLN A 223 -12.37 -10.37 -32.62
N LYS A 224 -12.97 -11.54 -32.43
CA LYS A 224 -14.41 -11.60 -32.20
C LYS A 224 -14.68 -11.01 -30.83
N ALA A 225 -13.83 -11.34 -29.85
CA ALA A 225 -13.97 -10.80 -28.51
C ALA A 225 -13.81 -9.28 -28.55
N GLU A 226 -12.84 -8.81 -29.32
CA GLU A 226 -12.58 -7.37 -29.47
C GLU A 226 -13.73 -6.62 -30.17
N SER A 227 -14.42 -7.28 -31.10
CA SER A 227 -15.51 -6.66 -31.85
C SER A 227 -16.55 -5.97 -30.97
N TYR A 228 -16.89 -6.57 -29.84
CA TYR A 228 -17.87 -5.98 -28.93
C TYR A 228 -17.40 -4.66 -28.33
N LEU A 229 -16.08 -4.46 -28.27
CA LEU A 229 -15.51 -3.26 -27.70
C LEU A 229 -15.45 -2.11 -28.71
N LEU A 230 -15.41 -2.46 -29.99
CA LEU A 230 -15.34 -1.47 -31.06
C LEU A 230 -16.72 -0.90 -31.42
N LYS A 231 -17.78 -1.61 -31.03
CA LYS A 231 -19.15 -1.19 -31.30
C LYS A 231 -19.92 -1.40 -30.00
N PRO A 232 -19.65 -0.55 -29.01
CA PRO A 232 -20.30 -0.63 -27.70
C PRO A 232 -21.83 -0.52 -27.64
N GLN A 233 -22.42 -1.38 -26.82
CA GLN A 233 -23.85 -1.42 -26.57
C GLN A 233 -24.02 -1.84 -25.11
N PRO A 234 -24.96 -1.21 -24.38
CA PRO A 234 -25.86 -0.15 -24.83
C PRO A 234 -25.11 1.15 -25.10
N SER A 235 -25.76 2.08 -25.78
CA SER A 235 -25.13 3.36 -26.11
C SER A 235 -24.80 4.15 -24.85
N SER A 236 -25.52 3.86 -23.78
CA SER A 236 -25.27 4.56 -22.52
C SER A 236 -23.94 4.11 -21.90
N SER A 237 -23.39 3.01 -22.43
CA SER A 237 -22.13 2.50 -21.92
C SER A 237 -20.95 3.24 -22.54
N GLU A 238 -21.26 4.11 -23.50
CA GLU A 238 -20.26 4.93 -24.19
C GLU A 238 -20.65 6.39 -23.98
N PRO A 239 -20.36 6.95 -22.79
CA PRO A 239 -20.65 8.32 -22.35
C PRO A 239 -20.19 9.40 -23.34
N PHE A 240 -18.99 9.21 -23.89
CA PHE A 240 -18.43 10.13 -24.86
C PHE A 240 -17.90 9.28 -26.01
N PRO A 241 -17.86 9.83 -27.22
CA PRO A 241 -17.37 9.04 -28.35
C PRO A 241 -16.01 8.37 -28.07
N GLY A 242 -15.96 7.05 -28.22
CA GLY A 242 -14.69 6.35 -28.00
C GLY A 242 -14.39 5.87 -26.59
N LEU A 243 -15.00 6.49 -25.58
CA LEU A 243 -14.79 6.09 -24.20
C LEU A 243 -15.89 5.12 -23.78
N VAL A 244 -15.48 3.90 -23.44
CA VAL A 244 -16.43 2.85 -23.08
C VAL A 244 -16.37 2.44 -21.62
N GLY A 245 -17.31 1.57 -21.22
CA GLY A 245 -17.38 1.09 -19.85
C GLY A 245 -16.23 0.18 -19.47
N SER A 246 -16.20 -0.23 -18.21
CA SER A 246 -15.12 -1.06 -17.69
C SER A 246 -15.31 -2.58 -17.62
N SER A 247 -16.53 -3.06 -17.87
CA SER A 247 -16.77 -4.50 -17.85
C SER A 247 -17.77 -4.94 -18.90
N ILE A 248 -17.61 -6.18 -19.37
CA ILE A 248 -18.46 -6.73 -20.41
C ILE A 248 -19.13 -8.02 -19.93
N ASN A 249 -20.41 -8.20 -20.27
CA ASN A 249 -21.15 -9.40 -19.91
C ASN A 249 -20.66 -10.52 -20.83
N ILE A 250 -20.28 -11.65 -20.26
CA ILE A 250 -19.79 -12.76 -21.06
C ILE A 250 -20.91 -13.40 -21.87
N ASN A 251 -22.13 -13.38 -21.32
CA ASN A 251 -23.27 -13.98 -22.02
C ASN A 251 -23.70 -13.29 -23.30
N ASP A 252 -23.70 -11.96 -23.35
CA ASP A 252 -24.14 -11.26 -24.55
C ASP A 252 -23.17 -10.24 -25.14
N GLY A 253 -22.06 -9.98 -24.46
CA GLY A 253 -21.10 -9.04 -25.01
C GLY A 253 -21.45 -7.57 -24.88
N GLN A 254 -22.39 -7.24 -24.00
CA GLN A 254 -22.76 -5.84 -23.79
C GLN A 254 -22.04 -5.37 -22.53
N PHE A 255 -21.77 -4.08 -22.44
CA PHE A 255 -21.10 -3.54 -21.26
C PHE A 255 -22.04 -3.56 -20.07
N ALA A 256 -21.48 -3.78 -18.88
CA ALA A 256 -22.27 -3.86 -17.66
C ALA A 256 -22.21 -2.59 -16.82
N ASP A 257 -21.42 -1.62 -17.26
CA ASP A 257 -21.31 -0.35 -16.54
C ASP A 257 -20.88 0.74 -17.51
N SER A 258 -20.88 1.97 -17.04
CA SER A 258 -20.50 3.09 -17.89
C SER A 258 -19.33 3.85 -17.28
N ARG A 259 -18.55 3.17 -16.45
CA ARG A 259 -17.39 3.80 -15.81
C ARG A 259 -16.26 3.91 -16.82
N VAL A 260 -15.86 5.15 -17.10
CA VAL A 260 -14.80 5.45 -18.06
C VAL A 260 -13.49 5.77 -17.35
N SER A 261 -12.40 5.16 -17.78
CA SER A 261 -11.11 5.38 -17.14
C SER A 261 -9.95 4.87 -17.98
N TRP A 262 -8.76 5.38 -17.69
CA TRP A 262 -7.55 4.94 -18.37
C TRP A 262 -6.68 4.22 -17.32
N ASN A 263 -7.26 4.03 -16.13
CA ASN A 263 -6.56 3.38 -15.03
C ASN A 263 -6.45 1.86 -15.21
N GLY A 264 -5.77 1.22 -14.26
CA GLY A 264 -5.61 -0.23 -14.30
C GLY A 264 -6.96 -0.89 -14.44
N GLY A 265 -7.06 -1.89 -15.32
CA GLY A 265 -8.34 -2.55 -15.51
C GLY A 265 -8.96 -2.07 -16.80
N ASP A 266 -8.56 -0.88 -17.26
CA ASP A 266 -9.06 -0.30 -18.49
C ASP A 266 -7.92 0.00 -19.46
N ASP A 267 -6.89 0.68 -18.94
CA ASP A 267 -5.71 1.09 -19.69
C ASP A 267 -5.37 0.41 -21.01
N SER A 268 -4.86 -0.81 -20.91
CA SER A 268 -4.44 -1.61 -22.05
C SER A 268 -5.38 -1.67 -23.25
N PHE A 269 -6.68 -1.51 -23.02
CA PHE A 269 -7.60 -1.56 -24.14
C PHE A 269 -7.28 -0.45 -25.14
N TYR A 270 -7.20 0.79 -24.65
CA TYR A 270 -6.91 1.93 -25.53
C TYR A 270 -5.51 1.86 -26.14
N GLU A 271 -4.57 1.33 -25.37
CA GLU A 271 -3.19 1.17 -25.83
C GLU A 271 -3.15 0.33 -27.12
N TYR A 272 -3.84 -0.80 -27.11
CA TYR A 272 -3.85 -1.71 -28.27
C TYR A 272 -4.64 -1.23 -29.49
N LEU A 273 -5.58 -0.31 -29.28
CA LEU A 273 -6.36 0.21 -30.39
C LEU A 273 -5.41 0.76 -31.45
N ILE A 274 -4.53 1.69 -31.04
CA ILE A 274 -3.60 2.30 -31.98
C ILE A 274 -2.45 1.36 -32.37
N LYS A 275 -1.99 0.54 -31.43
CA LYS A 275 -0.90 -0.38 -31.76
C LYS A 275 -1.28 -1.37 -32.86
N MET A 276 -2.51 -1.85 -32.86
CA MET A 276 -2.97 -2.78 -33.90
C MET A 276 -2.89 -2.12 -35.27
N TYR A 277 -3.16 -0.81 -35.30
CA TYR A 277 -3.09 -0.05 -36.54
C TYR A 277 -1.65 0.01 -37.05
N VAL A 278 -0.70 0.09 -36.11
CA VAL A 278 0.70 0.14 -36.47
C VAL A 278 1.11 -1.23 -36.98
N TYR A 279 0.54 -2.27 -36.38
CA TYR A 279 0.83 -3.65 -36.75
C TYR A 279 0.44 -3.90 -38.22
N ASP A 280 -0.76 -3.45 -38.60
CA ASP A 280 -1.24 -3.61 -39.96
C ASP A 280 -2.31 -2.56 -40.24
N PRO A 281 -1.91 -1.42 -40.80
CA PRO A 281 -2.85 -0.34 -41.11
C PRO A 281 -3.97 -0.73 -42.06
N LYS A 282 -3.70 -1.71 -42.92
CA LYS A 282 -4.70 -2.18 -43.88
C LYS A 282 -5.84 -2.93 -43.20
N ARG A 283 -5.50 -3.93 -42.39
CA ARG A 283 -6.52 -4.72 -41.70
C ARG A 283 -7.20 -4.02 -40.54
N PHE A 284 -6.48 -3.14 -39.85
CA PHE A 284 -7.05 -2.51 -38.67
C PHE A 284 -7.27 -1.01 -38.70
N GLU A 285 -7.73 -0.49 -39.83
CA GLU A 285 -7.99 0.94 -39.92
C GLU A 285 -9.08 1.29 -38.91
N THR A 286 -10.01 0.38 -38.72
CA THR A 286 -11.11 0.59 -37.79
C THR A 286 -10.66 0.81 -36.36
N TYR A 287 -9.60 0.12 -35.96
CA TYR A 287 -9.09 0.27 -34.61
C TYR A 287 -8.62 1.71 -34.44
N LYS A 288 -7.90 2.20 -35.44
CA LYS A 288 -7.39 3.57 -35.43
C LYS A 288 -8.51 4.60 -35.26
N ASP A 289 -9.58 4.45 -36.02
CA ASP A 289 -10.71 5.39 -35.95
C ASP A 289 -11.24 5.44 -34.52
N ARG A 290 -11.38 4.26 -33.92
CA ARG A 290 -11.87 4.14 -32.55
C ARG A 290 -10.91 4.79 -31.55
N TRP A 291 -9.60 4.68 -31.79
CA TRP A 291 -8.63 5.27 -30.89
C TRP A 291 -8.66 6.79 -30.99
N VAL A 292 -8.78 7.29 -32.23
CA VAL A 292 -8.83 8.74 -32.46
C VAL A 292 -9.99 9.34 -31.69
N LEU A 293 -11.14 8.68 -31.74
CA LEU A 293 -12.33 9.15 -31.02
C LEU A 293 -12.00 9.19 -29.53
N ALA A 294 -11.44 8.09 -29.04
CA ALA A 294 -11.08 7.99 -27.63
C ALA A 294 -10.07 9.07 -27.23
N ALA A 295 -9.07 9.29 -28.09
CA ALA A 295 -8.03 10.29 -27.83
C ALA A 295 -8.63 11.69 -27.74
N GLU A 296 -9.49 12.01 -28.69
CA GLU A 296 -10.13 13.33 -28.71
C GLU A 296 -11.09 13.57 -27.55
N SER A 297 -11.89 12.56 -27.19
CA SER A 297 -12.83 12.73 -26.08
C SER A 297 -12.10 12.80 -24.75
N THR A 298 -10.95 12.14 -24.68
CA THR A 298 -10.14 12.14 -23.48
C THR A 298 -9.58 13.54 -23.26
N ILE A 299 -9.09 14.15 -24.33
CA ILE A 299 -8.53 15.50 -24.26
C ILE A 299 -9.62 16.50 -23.85
N LYS A 300 -10.80 16.34 -24.42
CA LYS A 300 -11.88 17.25 -24.12
C LYS A 300 -12.56 17.02 -22.77
N HIS A 301 -12.63 15.78 -22.31
CA HIS A 301 -13.33 15.53 -21.04
C HIS A 301 -12.57 14.96 -19.84
N LEU A 302 -11.50 14.22 -20.05
CA LEU A 302 -10.78 13.64 -18.92
C LEU A 302 -9.59 14.49 -18.46
N LYS A 303 -9.18 15.43 -19.30
CA LYS A 303 -8.07 16.32 -18.98
C LYS A 303 -8.42 16.98 -17.65
N SER A 304 -7.44 17.10 -16.76
CA SER A 304 -7.67 17.70 -15.45
C SER A 304 -6.41 18.33 -14.88
N HIS A 305 -6.56 19.51 -14.27
CA HIS A 305 -5.44 20.24 -13.68
C HIS A 305 -5.68 20.42 -12.17
N PRO A 306 -4.65 20.16 -11.34
CA PRO A 306 -4.80 20.32 -9.90
C PRO A 306 -4.98 21.80 -9.57
N LYS A 307 -5.75 22.09 -8.53
CA LYS A 307 -6.00 23.47 -8.12
C LYS A 307 -4.72 24.20 -7.73
N SER A 308 -3.86 23.53 -6.99
CA SER A 308 -2.60 24.14 -6.54
C SER A 308 -1.56 24.27 -7.63
N ARG A 309 -1.71 23.50 -8.71
CA ARG A 309 -0.75 23.55 -9.82
C ARG A 309 -1.47 23.44 -11.15
N PRO A 310 -2.09 24.54 -11.59
CA PRO A 310 -2.83 24.59 -12.86
C PRO A 310 -1.94 24.21 -14.04
N ASP A 311 -0.63 24.23 -13.80
CA ASP A 311 0.32 23.91 -14.85
C ASP A 311 0.59 22.42 -15.06
N LEU A 312 -0.02 21.58 -14.22
CA LEU A 312 0.14 20.14 -14.33
C LEU A 312 -1.14 19.51 -14.91
N THR A 313 -0.97 18.45 -15.69
CA THR A 313 -2.11 17.76 -16.30
C THR A 313 -2.10 16.25 -16.02
N PHE A 314 -3.22 15.77 -15.51
CA PHE A 314 -3.42 14.36 -15.22
C PHE A 314 -4.76 13.99 -15.84
N LEU A 315 -5.08 12.70 -15.87
CA LEU A 315 -6.36 12.27 -16.41
C LEU A 315 -7.25 11.83 -15.26
N SER A 316 -8.54 12.15 -15.36
CA SER A 316 -9.50 11.79 -14.34
C SER A 316 -10.35 10.62 -14.85
N SER A 317 -11.16 10.06 -13.96
CA SER A 317 -12.06 8.99 -14.32
C SER A 317 -13.46 9.59 -14.33
N TYR A 318 -14.35 9.04 -15.14
CA TYR A 318 -15.70 9.57 -15.27
C TYR A 318 -16.74 8.50 -15.07
N SER A 319 -17.74 8.81 -14.25
CA SER A 319 -18.84 7.90 -13.97
C SER A 319 -20.14 8.66 -13.74
N ASN A 320 -21.05 8.60 -14.71
CA ASN A 320 -22.34 9.26 -14.61
C ASN A 320 -22.27 10.75 -14.25
N ARG A 321 -21.52 11.52 -15.02
CA ARG A 321 -21.39 12.96 -14.80
C ARG A 321 -20.48 13.36 -13.65
N ASN A 322 -20.01 12.39 -12.87
CA ASN A 322 -19.12 12.68 -11.76
C ASN A 322 -17.65 12.38 -12.09
N TYR A 323 -16.74 13.26 -11.69
CA TYR A 323 -15.32 13.06 -11.96
C TYR A 323 -14.50 12.60 -10.75
N ASP A 324 -13.67 11.58 -10.95
CA ASP A 324 -12.81 11.05 -9.89
C ASP A 324 -11.43 11.64 -10.16
N LEU A 325 -11.00 12.54 -9.28
CA LEU A 325 -9.72 13.21 -9.43
C LEU A 325 -8.56 12.46 -8.79
N SER A 326 -8.24 11.30 -9.34
CA SER A 326 -7.12 10.52 -8.83
C SER A 326 -6.55 9.69 -9.98
N SER A 327 -5.31 9.25 -9.83
CA SER A 327 -4.70 8.47 -10.89
C SER A 327 -3.73 7.44 -10.33
N GLN A 328 -3.15 6.65 -11.22
CA GLN A 328 -2.21 5.60 -10.82
C GLN A 328 -0.96 5.64 -11.68
N HIS A 329 0.09 4.97 -11.20
CA HIS A 329 1.35 4.89 -11.92
C HIS A 329 1.05 4.19 -13.26
N LEU A 330 0.17 3.18 -13.21
CA LEU A 330 -0.25 2.43 -14.38
C LEU A 330 -0.76 3.35 -15.49
N THR A 331 -1.58 4.34 -15.11
CA THR A 331 -2.15 5.28 -16.08
C THR A 331 -1.09 6.08 -16.86
N CYS A 332 0.12 6.20 -16.31
CA CYS A 332 1.17 6.98 -16.99
C CYS A 332 1.64 6.44 -18.32
N PHE A 333 1.08 5.32 -18.73
CA PHE A 333 1.40 4.77 -20.05
C PHE A 333 0.71 5.68 -21.08
N ASP A 334 -0.24 6.49 -20.61
CA ASP A 334 -1.02 7.35 -21.50
C ASP A 334 -0.23 8.31 -22.37
N GLY A 335 0.74 9.00 -21.79
CA GLY A 335 1.53 9.93 -22.57
C GLY A 335 2.13 9.23 -23.76
N GLY A 336 2.62 8.00 -23.54
CA GLY A 336 3.22 7.23 -24.62
C GLY A 336 2.24 6.84 -25.70
N SER A 337 1.01 6.53 -25.31
CA SER A 337 0.00 6.17 -26.30
C SER A 337 -0.27 7.39 -27.19
N PHE A 338 -0.47 8.55 -26.57
CA PHE A 338 -0.74 9.77 -27.34
C PHE A 338 0.43 10.14 -28.25
N LEU A 339 1.65 9.92 -27.80
CA LEU A 339 2.84 10.22 -28.59
C LEU A 339 2.97 9.28 -29.78
N LEU A 340 2.67 8.01 -29.56
CA LEU A 340 2.75 7.02 -30.63
C LEU A 340 1.71 7.34 -31.71
N GLY A 341 0.46 7.49 -31.31
CA GLY A 341 -0.58 7.80 -32.27
C GLY A 341 -0.35 9.14 -32.93
N GLY A 342 0.22 10.08 -32.16
CA GLY A 342 0.49 11.40 -32.68
C GLY A 342 1.49 11.38 -33.83
N THR A 343 2.60 10.67 -33.66
CA THR A 343 3.60 10.62 -34.71
C THR A 343 3.16 9.76 -35.88
N VAL A 344 2.43 8.69 -35.59
CA VAL A 344 1.95 7.82 -36.66
C VAL A 344 0.88 8.48 -37.52
N LEU A 345 0.01 9.27 -36.89
CA LEU A 345 -1.07 9.94 -37.62
C LEU A 345 -0.70 11.37 -37.98
N ASP A 346 0.46 11.80 -37.51
CA ASP A 346 0.92 13.15 -37.77
C ASP A 346 -0.11 14.16 -37.23
N ARG A 347 -0.45 13.97 -35.97
CA ARG A 347 -1.40 14.83 -35.27
C ARG A 347 -0.57 15.51 -34.18
N GLN A 348 -0.18 16.77 -34.41
CA GLN A 348 0.63 17.51 -33.45
C GLN A 348 -0.13 17.77 -32.16
N ASP A 349 -1.46 17.81 -32.24
CA ASP A 349 -2.24 18.03 -31.03
C ASP A 349 -2.16 16.82 -30.08
N PHE A 350 -2.09 15.62 -30.63
CA PHE A 350 -1.98 14.42 -29.77
C PHE A 350 -0.58 14.37 -29.17
N ILE A 351 0.41 14.80 -29.96
CA ILE A 351 1.78 14.84 -29.48
C ILE A 351 1.92 15.87 -28.36
N ASP A 352 1.34 17.05 -28.54
CA ASP A 352 1.43 18.09 -27.52
C ASP A 352 0.77 17.64 -26.23
N PHE A 353 -0.36 16.95 -26.35
CA PHE A 353 -1.07 16.47 -25.18
C PHE A 353 -0.29 15.36 -24.48
N GLY A 354 0.31 14.48 -25.27
CA GLY A 354 1.10 13.40 -24.71
C GLY A 354 2.24 13.94 -23.86
N LEU A 355 2.87 15.01 -24.34
CA LEU A 355 3.97 15.61 -23.59
C LEU A 355 3.47 16.21 -22.27
N GLU A 356 2.24 16.71 -22.25
CA GLU A 356 1.69 17.27 -21.01
C GLU A 356 1.48 16.14 -20.02
N LEU A 357 1.02 14.99 -20.51
CA LEU A 357 0.80 13.84 -19.65
C LEU A 357 2.17 13.32 -19.15
N VAL A 358 3.16 13.37 -20.03
CA VAL A 358 4.51 12.94 -19.64
C VAL A 358 5.01 13.86 -18.54
N ASP A 359 4.85 15.18 -18.71
CA ASP A 359 5.30 16.13 -17.69
C ASP A 359 4.63 15.89 -16.35
N GLY A 360 3.33 15.60 -16.39
CA GLY A 360 2.61 15.35 -15.14
C GLY A 360 3.17 14.13 -14.41
N CYS A 361 3.45 13.07 -15.15
CA CYS A 361 3.98 11.87 -14.54
C CYS A 361 5.39 12.12 -14.03
N GLU A 362 6.17 12.89 -14.77
CA GLU A 362 7.52 13.23 -14.34
C GLU A 362 7.39 14.02 -13.03
N ALA A 363 6.34 14.83 -12.90
CA ALA A 363 6.16 15.61 -11.68
C ALA A 363 5.97 14.72 -10.45
N THR A 364 5.26 13.60 -10.61
CA THR A 364 5.04 12.73 -9.45
C THR A 364 6.36 12.03 -9.07
N TYR A 365 7.28 11.93 -10.02
CA TYR A 365 8.58 11.30 -9.75
C TYR A 365 9.58 12.26 -9.05
N ASN A 366 9.79 13.46 -9.63
CA ASN A 366 10.77 14.35 -9.02
C ASN A 366 10.32 15.18 -7.81
N SER A 367 9.14 14.91 -7.28
CA SER A 367 8.62 15.63 -6.12
C SER A 367 8.80 14.83 -4.83
N THR A 368 9.02 13.53 -4.96
CA THR A 368 9.19 12.67 -3.80
C THR A 368 10.62 12.70 -3.31
N LEU A 369 10.84 12.16 -2.12
CA LEU A 369 12.17 12.13 -1.53
C LEU A 369 13.12 11.23 -2.33
N THR A 370 12.66 10.05 -2.71
CA THR A 370 13.48 9.09 -3.46
C THR A 370 13.57 9.38 -4.96
N LYS A 371 12.74 10.29 -5.45
CA LYS A 371 12.71 10.62 -6.88
C LYS A 371 12.07 9.53 -7.72
N ILE A 372 11.22 8.72 -7.08
CA ILE A 372 10.45 7.69 -7.75
C ILE A 372 9.00 8.05 -7.42
N GLY A 373 8.09 7.91 -8.39
CA GLY A 373 6.71 8.26 -8.17
C GLY A 373 5.88 7.25 -7.41
N PRO A 374 4.77 7.69 -6.79
CA PRO A 374 3.85 6.84 -6.01
C PRO A 374 2.98 5.97 -6.89
N ASP A 375 2.47 4.89 -6.31
CA ASP A 375 1.61 3.97 -7.04
C ASP A 375 0.26 4.61 -7.39
N SER A 376 -0.22 5.51 -6.54
CA SER A 376 -1.48 6.20 -6.81
C SER A 376 -1.50 7.53 -6.09
N TRP A 377 -2.23 8.49 -6.65
CA TRP A 377 -2.30 9.82 -6.08
C TRP A 377 -3.63 10.53 -6.42
N GLY A 378 -3.86 11.67 -5.77
CA GLY A 378 -5.08 12.42 -6.03
C GLY A 378 -4.80 13.91 -6.03
N TRP A 379 -5.80 14.70 -6.39
CA TRP A 379 -5.65 16.14 -6.40
C TRP A 379 -6.98 16.85 -6.16
N ASP A 380 -7.92 16.13 -5.57
CA ASP A 380 -9.23 16.69 -5.25
C ASP A 380 -9.05 17.63 -4.06
N PRO A 381 -9.34 18.93 -4.25
CA PRO A 381 -9.20 19.95 -3.19
C PRO A 381 -9.90 19.59 -1.88
N LYS A 382 -11.06 18.95 -1.99
CA LYS A 382 -11.87 18.57 -0.83
C LYS A 382 -11.36 17.36 -0.05
N LYS A 383 -10.39 16.64 -0.61
CA LYS A 383 -9.88 15.46 0.08
C LYS A 383 -8.39 15.46 0.40
N VAL A 384 -7.77 16.63 0.41
CA VAL A 384 -6.35 16.72 0.71
C VAL A 384 -6.12 16.33 2.17
N PRO A 385 -5.37 15.24 2.42
CA PRO A 385 -5.11 14.81 3.80
C PRO A 385 -4.38 15.91 4.58
N SER A 386 -4.74 16.05 5.86
CA SER A 386 -4.13 17.08 6.70
C SER A 386 -2.61 17.03 6.78
N ASP A 387 -2.05 15.82 6.88
CA ASP A 387 -0.60 15.69 6.97
C ASP A 387 0.10 15.89 5.63
N GLN A 388 -0.67 16.08 4.56
CA GLN A 388 -0.10 16.30 3.23
C GLN A 388 -0.49 17.64 2.64
N LYS A 389 -1.19 18.46 3.43
CA LYS A 389 -1.63 19.76 2.97
C LYS A 389 -0.56 20.56 2.23
N GLU A 390 0.57 20.77 2.89
CA GLU A 390 1.65 21.55 2.31
C GLU A 390 2.36 20.85 1.14
N PHE A 391 2.36 19.51 1.12
CA PHE A 391 2.99 18.79 0.02
C PHE A 391 2.12 19.08 -1.20
N TYR A 392 0.82 18.93 -1.00
CA TYR A 392 -0.17 19.18 -2.05
C TYR A 392 -0.02 20.58 -2.64
N GLU A 393 0.01 21.59 -1.78
CA GLU A 393 0.13 22.97 -2.22
C GLU A 393 1.34 23.23 -3.12
N LYS A 394 2.44 22.53 -2.89
CA LYS A 394 3.62 22.76 -3.73
C LYS A 394 3.81 21.75 -4.85
N ALA A 395 3.42 20.49 -4.61
CA ALA A 395 3.59 19.45 -5.62
C ALA A 395 2.41 19.29 -6.56
N GLY A 396 1.20 19.60 -6.09
CA GLY A 396 0.02 19.48 -6.93
C GLY A 396 -0.74 18.18 -6.78
N PHE A 397 -0.47 17.43 -5.72
CA PHE A 397 -1.17 16.17 -5.51
C PHE A 397 -0.79 15.60 -4.15
N TYR A 398 -1.60 14.67 -3.66
CA TYR A 398 -1.29 14.01 -2.41
C TYR A 398 -1.13 12.53 -2.73
N ILE A 399 -0.29 11.86 -1.96
CA ILE A 399 -0.02 10.44 -2.18
C ILE A 399 -1.08 9.55 -1.53
N SER A 400 -1.69 8.68 -2.33
CA SER A 400 -2.71 7.76 -1.83
C SER A 400 -2.01 6.46 -1.41
N SER A 401 -1.13 5.98 -2.28
CA SER A 401 -0.34 4.79 -2.02
C SER A 401 1.08 5.17 -2.42
N GLY A 402 2.00 5.15 -1.46
CA GLY A 402 3.36 5.55 -1.75
C GLY A 402 4.30 4.43 -2.13
N SER A 403 3.75 3.26 -2.44
CA SER A 403 4.61 2.13 -2.81
C SER A 403 5.00 2.18 -4.27
N TYR A 404 6.08 1.48 -4.59
CA TYR A 404 6.57 1.40 -5.95
C TYR A 404 6.90 -0.05 -6.18
N VAL A 405 6.18 -0.70 -7.08
CA VAL A 405 6.42 -2.10 -7.32
C VAL A 405 7.16 -2.42 -8.60
N LEU A 406 8.17 -1.59 -8.89
CA LEU A 406 9.02 -1.77 -10.07
C LEU A 406 8.25 -1.61 -11.36
N ARG A 407 7.29 -0.69 -11.39
CA ARG A 407 6.51 -0.50 -12.59
C ARG A 407 7.31 0.31 -13.60
N PRO A 408 7.07 0.08 -14.90
CA PRO A 408 7.75 0.78 -15.98
C PRO A 408 7.01 1.86 -16.75
N GLU A 409 5.71 2.06 -16.48
CA GLU A 409 4.92 3.03 -17.26
C GLU A 409 5.45 4.45 -17.40
N VAL A 410 6.08 4.99 -16.36
CA VAL A 410 6.58 6.35 -16.49
C VAL A 410 7.81 6.40 -17.37
N ILE A 411 8.72 5.46 -17.20
CA ILE A 411 9.93 5.40 -18.02
C ILE A 411 9.54 5.07 -19.47
N GLU A 412 8.48 4.26 -19.63
CA GLU A 412 7.99 3.90 -20.96
C GLU A 412 7.63 5.16 -21.75
N SER A 413 6.83 6.03 -21.14
CA SER A 413 6.40 7.25 -21.83
C SER A 413 7.56 8.22 -22.03
N PHE A 414 8.51 8.24 -21.09
CA PHE A 414 9.68 9.08 -21.23
C PHE A 414 10.40 8.61 -22.50
N TYR A 415 10.51 7.29 -22.65
CA TYR A 415 11.16 6.70 -23.81
C TYR A 415 10.52 7.15 -25.13
N TYR A 416 9.19 7.09 -25.20
CA TYR A 416 8.51 7.52 -26.43
C TYR A 416 8.73 9.02 -26.66
N ALA A 417 8.64 9.81 -25.60
CA ALA A 417 8.83 11.25 -25.73
C ALA A 417 10.19 11.55 -26.34
N HIS A 418 11.20 10.80 -25.93
CA HIS A 418 12.53 11.03 -26.49
C HIS A 418 12.61 10.62 -27.95
N ARG A 419 12.03 9.47 -28.28
CA ARG A 419 12.05 8.99 -29.66
C ARG A 419 11.24 9.90 -30.61
N VAL A 420 10.14 10.44 -30.12
CA VAL A 420 9.28 11.28 -30.94
C VAL A 420 9.78 12.69 -31.12
N THR A 421 10.25 13.32 -30.04
CA THR A 421 10.72 14.69 -30.12
C THR A 421 12.21 14.79 -30.38
N GLY A 422 12.96 13.79 -29.95
CA GLY A 422 14.40 13.82 -30.15
C GLY A 422 15.07 14.71 -29.12
N LYS A 423 14.29 15.23 -28.18
CA LYS A 423 14.86 16.11 -27.15
C LYS A 423 15.58 15.31 -26.07
N GLU A 424 16.74 15.81 -25.66
CA GLU A 424 17.58 15.19 -24.65
C GLU A 424 16.99 15.14 -23.26
N ILE A 425 16.19 16.14 -22.90
CA ILE A 425 15.59 16.21 -21.57
C ILE A 425 14.87 14.91 -21.18
N TYR A 426 14.11 14.33 -22.10
CA TYR A 426 13.35 13.12 -21.81
C TYR A 426 14.24 11.91 -21.58
N ARG A 427 15.41 11.91 -22.22
CA ARG A 427 16.36 10.83 -22.03
C ARG A 427 16.96 10.98 -20.62
N ASP A 428 17.15 12.23 -20.20
CA ASP A 428 17.71 12.51 -18.88
C ASP A 428 16.75 12.07 -17.78
N TRP A 429 15.45 12.23 -18.04
CA TRP A 429 14.43 11.83 -17.08
C TRP A 429 14.40 10.30 -16.94
N VAL A 430 14.67 9.59 -18.02
CA VAL A 430 14.71 8.13 -17.94
C VAL A 430 15.91 7.77 -17.06
N TRP A 431 17.05 8.41 -17.32
CA TRP A 431 18.26 8.15 -16.54
C TRP A 431 18.07 8.50 -15.06
N ASN A 432 17.48 9.65 -14.78
CA ASN A 432 17.27 10.04 -13.40
C ASN A 432 16.41 9.01 -12.65
N ALA A 433 15.39 8.50 -13.33
CA ALA A 433 14.51 7.51 -12.73
C ALA A 433 15.28 6.19 -12.52
N PHE A 434 16.04 5.78 -13.52
CA PHE A 434 16.82 4.54 -13.41
C PHE A 434 17.80 4.58 -12.23
N VAL A 435 18.55 5.68 -12.09
CA VAL A 435 19.49 5.81 -10.97
C VAL A 435 18.74 5.76 -9.65
N ALA A 436 17.59 6.41 -9.59
CA ALA A 436 16.80 6.40 -8.37
C ALA A 436 16.37 4.96 -8.05
N ILE A 437 15.95 4.23 -9.08
CA ILE A 437 15.54 2.85 -8.85
C ILE A 437 16.75 2.00 -8.41
N ASN A 438 17.85 2.14 -9.14
CA ASN A 438 19.05 1.36 -8.83
C ASN A 438 19.56 1.67 -7.42
N SER A 439 19.40 2.92 -7.01
CA SER A 439 19.85 3.33 -5.69
C SER A 439 18.94 2.93 -4.52
N THR A 440 17.64 2.91 -4.72
CA THR A 440 16.78 2.55 -3.60
C THR A 440 16.14 1.18 -3.59
N CYS A 441 16.07 0.49 -4.73
CA CYS A 441 15.44 -0.83 -4.81
C CYS A 441 16.41 -2.01 -4.87
N ARG A 442 17.68 -1.73 -5.13
CA ARG A 442 18.67 -2.77 -5.27
C ARG A 442 19.00 -3.56 -4.01
N THR A 443 19.08 -4.88 -4.16
CA THR A 443 19.45 -5.77 -3.06
C THR A 443 20.62 -6.60 -3.58
N ASP A 444 21.20 -7.44 -2.73
CA ASP A 444 22.34 -8.26 -3.14
C ASP A 444 22.02 -9.15 -4.32
N SER A 445 20.79 -9.62 -4.41
CA SER A 445 20.40 -10.54 -5.48
C SER A 445 19.64 -9.92 -6.64
N GLY A 446 18.97 -8.81 -6.41
CA GLY A 446 18.23 -8.19 -7.50
C GLY A 446 17.69 -6.84 -7.12
N PHE A 447 16.41 -6.63 -7.41
CA PHE A 447 15.71 -5.38 -7.12
C PHE A 447 14.41 -5.73 -6.42
N ALA A 448 14.05 -4.92 -5.43
CA ALA A 448 12.84 -5.15 -4.66
C ALA A 448 11.85 -3.99 -4.71
N ALA A 449 10.58 -4.33 -4.58
CA ALA A 449 9.51 -3.34 -4.52
C ALA A 449 9.72 -2.59 -3.22
N VAL A 450 9.26 -1.35 -3.16
CA VAL A 450 9.43 -0.50 -1.98
C VAL A 450 8.11 0.06 -1.45
N SER A 451 8.01 0.17 -0.13
CA SER A 451 6.79 0.64 0.53
C SER A 451 6.48 2.14 0.52
N ASP A 452 7.48 3.00 0.56
CA ASP A 452 7.21 4.44 0.60
C ASP A 452 8.23 5.28 -0.14
N VAL A 453 7.87 5.70 -1.35
CA VAL A 453 8.76 6.51 -2.18
C VAL A 453 9.02 7.89 -1.61
N ASN A 454 8.32 8.26 -0.54
CA ASN A 454 8.51 9.58 0.05
C ASN A 454 9.23 9.52 1.40
N LYS A 455 9.95 8.43 1.64
CA LYS A 455 10.72 8.24 2.87
C LYS A 455 12.11 7.78 2.50
N ALA A 456 13.09 8.07 3.36
CA ALA A 456 14.47 7.68 3.10
C ALA A 456 14.58 6.20 2.72
N ASN A 457 15.32 5.95 1.66
CA ASN A 457 15.54 4.59 1.18
C ASN A 457 14.26 3.84 0.82
N GLY A 458 13.17 4.58 0.60
CA GLY A 458 11.91 3.96 0.22
C GLY A 458 11.12 3.29 1.32
N GLY A 459 11.46 3.58 2.58
CA GLY A 459 10.74 2.95 3.67
C GLY A 459 11.21 1.52 3.88
N SER A 460 10.35 0.55 3.59
CA SER A 460 10.69 -0.86 3.75
C SER A 460 10.63 -1.58 2.40
N LYS A 461 11.47 -2.60 2.21
CA LYS A 461 11.45 -3.34 0.97
C LYS A 461 10.51 -4.53 1.03
N TYR A 462 9.79 -4.76 -0.06
CA TYR A 462 8.88 -5.90 -0.17
C TYR A 462 9.75 -7.03 -0.68
N ASP A 463 9.43 -8.26 -0.29
CA ASP A 463 10.18 -9.40 -0.79
C ASP A 463 9.51 -9.81 -2.11
N ASN A 464 9.58 -8.92 -3.10
CA ASN A 464 8.94 -9.16 -4.39
C ASN A 464 9.68 -8.52 -5.57
N GLN A 465 9.83 -9.28 -6.66
CA GLN A 465 10.46 -8.78 -7.89
C GLN A 465 9.68 -9.35 -9.08
N GLU A 466 8.72 -8.58 -9.56
CA GLU A 466 7.88 -8.97 -10.69
C GLU A 466 8.69 -9.15 -11.95
N SER A 467 8.23 -10.05 -12.83
CA SER A 467 8.92 -10.33 -14.08
C SER A 467 9.08 -9.12 -15.00
N PHE A 468 8.20 -8.13 -14.90
CA PHE A 468 8.33 -6.97 -15.77
C PHE A 468 9.57 -6.10 -15.47
N LEU A 469 10.28 -6.42 -14.40
CA LEU A 469 11.52 -5.70 -14.10
C LEU A 469 12.45 -6.02 -15.26
N PHE A 470 12.51 -7.31 -15.63
CA PHE A 470 13.36 -7.75 -16.74
C PHE A 470 12.82 -7.32 -18.09
N ALA A 471 11.53 -7.56 -18.30
CA ALA A 471 10.89 -7.25 -19.56
C ALA A 471 10.76 -5.76 -19.88
N GLU A 472 10.39 -4.95 -18.89
CA GLU A 472 10.15 -3.54 -19.16
C GLU A 472 11.08 -2.46 -18.61
N VAL A 473 11.26 -2.44 -17.30
CA VAL A 473 12.09 -1.42 -16.69
C VAL A 473 13.49 -1.39 -17.31
N MET A 474 14.10 -2.57 -17.45
CA MET A 474 15.43 -2.68 -18.01
C MET A 474 15.48 -2.45 -19.52
N LYS A 475 14.43 -2.84 -20.24
CA LYS A 475 14.44 -2.64 -21.68
C LYS A 475 14.32 -1.15 -22.05
N TYR A 476 13.28 -0.49 -21.55
CA TYR A 476 13.07 0.93 -21.85
C TYR A 476 14.24 1.79 -21.37
N SER A 477 14.79 1.45 -20.21
CA SER A 477 15.92 2.21 -19.69
C SER A 477 17.11 2.09 -20.62
N TYR A 478 17.31 0.88 -21.15
CA TYR A 478 18.43 0.61 -22.06
C TYR A 478 18.21 1.24 -23.43
N LEU A 479 17.03 1.03 -24.00
CA LEU A 479 16.71 1.59 -25.32
C LEU A 479 16.87 3.11 -25.37
N ALA A 480 16.54 3.80 -24.28
CA ALA A 480 16.66 5.25 -24.24
C ALA A 480 18.10 5.73 -24.47
N HIS A 481 19.08 4.87 -24.18
CA HIS A 481 20.49 5.23 -24.34
C HIS A 481 21.26 4.35 -25.33
N SER A 482 20.62 3.35 -25.90
CA SER A 482 21.31 2.48 -26.84
C SER A 482 21.21 2.98 -28.28
N GLU A 483 22.00 2.39 -29.17
CA GLU A 483 22.00 2.78 -30.57
C GLU A 483 20.68 2.48 -31.28
N ASP A 484 20.43 3.22 -32.35
CA ASP A 484 19.23 3.05 -33.14
C ASP A 484 19.23 1.68 -33.78
N ALA A 485 18.03 1.13 -34.02
CA ALA A 485 17.89 -0.19 -34.63
C ALA A 485 16.42 -0.36 -34.96
N ALA A 486 16.11 -1.42 -35.70
CA ALA A 486 14.73 -1.66 -36.10
C ALA A 486 13.77 -1.78 -34.91
N TRP A 487 14.24 -2.37 -33.81
CA TRP A 487 13.38 -2.54 -32.66
C TRP A 487 13.11 -1.27 -31.86
N GLN A 488 13.74 -0.16 -32.24
CA GLN A 488 13.52 1.11 -31.56
C GLN A 488 12.22 1.72 -32.08
N VAL A 489 11.50 2.47 -31.24
CA VAL A 489 10.28 3.12 -31.69
C VAL A 489 10.71 4.18 -32.69
N GLN A 490 9.93 4.31 -33.76
CA GLN A 490 10.25 5.26 -34.81
C GLN A 490 9.13 6.27 -35.00
N LYS A 491 9.40 7.31 -35.76
CA LYS A 491 8.39 8.33 -36.02
C LYS A 491 7.65 8.02 -37.31
N GLY A 492 6.52 8.69 -37.50
CA GLY A 492 5.74 8.49 -38.72
C GLY A 492 5.36 7.05 -38.96
N GLY A 493 5.50 6.60 -40.21
CA GLY A 493 5.15 5.25 -40.54
C GLY A 493 6.35 4.34 -40.73
N LYS A 494 7.45 4.64 -40.03
CA LYS A 494 8.67 3.84 -40.16
C LYS A 494 8.81 2.67 -39.20
N ASN A 495 7.87 2.50 -38.27
CA ASN A 495 7.97 1.41 -37.31
C ASN A 495 7.88 0.03 -37.95
N THR A 496 8.87 -0.83 -37.70
CA THR A 496 8.81 -2.19 -38.23
C THR A 496 8.53 -3.14 -37.08
N PHE A 497 8.51 -2.60 -35.87
CA PHE A 497 8.19 -3.37 -34.66
C PHE A 497 7.19 -2.58 -33.83
N VAL A 498 6.33 -3.29 -33.11
CA VAL A 498 5.36 -2.65 -32.24
C VAL A 498 5.46 -3.38 -30.91
N TYR A 499 5.49 -2.62 -29.82
CA TYR A 499 5.61 -3.18 -28.48
C TYR A 499 4.27 -3.61 -27.86
N ASN A 500 4.24 -4.83 -27.32
CA ASN A 500 3.04 -5.33 -26.67
C ASN A 500 3.01 -4.63 -25.31
N THR A 501 2.03 -4.92 -24.48
CA THR A 501 1.95 -4.21 -23.22
C THR A 501 2.99 -4.60 -22.15
N GLU A 502 3.75 -5.66 -22.40
CA GLU A 502 4.79 -6.10 -21.46
C GLU A 502 6.16 -5.73 -22.06
N ALA A 503 6.15 -4.76 -22.97
CA ALA A 503 7.36 -4.28 -23.64
C ALA A 503 8.06 -5.31 -24.54
N HIS A 504 7.30 -6.25 -25.09
CA HIS A 504 7.88 -7.25 -25.99
C HIS A 504 7.64 -6.79 -27.41
N PRO A 505 8.74 -6.51 -28.14
CA PRO A 505 8.70 -6.04 -29.53
C PRO A 505 8.19 -7.12 -30.49
N ILE A 506 7.12 -6.80 -31.20
CA ILE A 506 6.51 -7.71 -32.16
C ILE A 506 6.68 -7.12 -33.56
N SER A 507 7.07 -7.96 -34.52
CA SER A 507 7.24 -7.49 -35.89
C SER A 507 5.89 -7.18 -36.53
N VAL A 508 5.78 -6.08 -37.27
CA VAL A 508 4.51 -5.74 -37.91
C VAL A 508 4.22 -6.68 -39.08
N ALA A 509 2.97 -6.71 -39.52
CA ALA A 509 2.54 -7.60 -40.62
C ALA A 509 3.17 -7.35 -41.98
N ARG A 510 3.19 -8.42 -42.78
CA ARG A 510 3.73 -8.41 -44.16
C ARG A 510 5.21 -8.78 -44.20
N SER B 36 -8.78 -24.13 28.71
CA SER B 36 -8.70 -23.89 27.24
C SER B 36 -7.93 -22.62 26.96
N ASN B 37 -8.32 -21.55 27.65
CA ASN B 37 -7.66 -20.26 27.48
C ASN B 37 -6.21 -20.39 27.95
N GLN B 38 -5.97 -21.31 28.88
CA GLN B 38 -4.63 -21.55 29.39
C GLN B 38 -3.75 -22.00 28.23
N ALA B 39 -4.32 -22.85 27.38
CA ALA B 39 -3.61 -23.37 26.22
C ALA B 39 -3.38 -22.26 25.19
N LYS B 40 -4.39 -21.40 25.04
CA LYS B 40 -4.31 -20.28 24.10
C LYS B 40 -3.36 -19.21 24.62
N ALA B 41 -3.40 -18.95 25.92
CA ALA B 41 -2.53 -17.94 26.53
C ALA B 41 -1.08 -18.32 26.31
N ASP B 42 -0.74 -19.59 26.54
CA ASP B 42 0.62 -20.04 26.35
C ASP B 42 1.02 -19.96 24.88
N ALA B 43 0.03 -20.12 24.01
CA ALA B 43 0.27 -20.05 22.57
C ALA B 43 0.79 -18.66 22.20
N VAL B 44 0.17 -17.63 22.78
CA VAL B 44 0.58 -16.27 22.51
C VAL B 44 1.98 -15.98 23.06
N LYS B 45 2.29 -16.56 24.21
CA LYS B 45 3.59 -16.36 24.84
C LYS B 45 4.70 -16.94 23.95
N GLU B 46 4.37 -18.00 23.21
CA GLU B 46 5.35 -18.61 22.32
C GLU B 46 5.62 -17.67 21.13
N ALA B 47 4.55 -17.06 20.62
CA ALA B 47 4.66 -16.14 19.50
C ALA B 47 5.54 -14.96 19.91
N PHE B 48 5.32 -14.46 21.13
CA PHE B 48 6.08 -13.35 21.67
C PHE B 48 7.56 -13.73 21.83
N GLN B 49 7.80 -14.90 22.41
CA GLN B 49 9.16 -15.37 22.62
C GLN B 49 9.85 -15.57 21.28
N HIS B 50 9.10 -16.07 20.31
CA HIS B 50 9.62 -16.29 18.96
C HIS B 50 10.19 -14.99 18.40
N ALA B 51 9.40 -13.93 18.47
CA ALA B 51 9.82 -12.64 17.95
C ALA B 51 10.96 -12.06 18.77
N TRP B 52 10.88 -12.19 20.09
CA TRP B 52 11.94 -11.66 20.93
C TRP B 52 13.28 -12.34 20.66
N ASN B 53 13.27 -13.65 20.39
CA ASN B 53 14.51 -14.37 20.12
C ASN B 53 15.15 -13.88 18.83
N GLY B 54 14.33 -13.74 17.79
CA GLY B 54 14.84 -13.26 16.53
C GLY B 54 15.38 -11.86 16.68
N TYR B 55 14.64 -11.03 17.41
CA TYR B 55 15.04 -9.65 17.65
C TYR B 55 16.38 -9.59 18.39
N MET B 56 16.48 -10.38 19.45
CA MET B 56 17.68 -10.44 20.27
C MET B 56 18.88 -10.88 19.44
N LYS B 57 18.69 -11.92 18.63
CA LYS B 57 19.75 -12.47 17.81
C LYS B 57 20.27 -11.62 16.66
N TYR B 58 19.39 -10.85 16.02
CA TYR B 58 19.82 -10.04 14.88
C TYR B 58 19.73 -8.52 14.98
N ALA B 59 18.92 -7.99 15.89
CA ALA B 59 18.78 -6.54 15.97
C ALA B 59 19.18 -5.85 17.27
N PHE B 60 18.90 -6.47 18.40
CA PHE B 60 19.25 -5.86 19.69
C PHE B 60 20.67 -5.28 19.67
N PRO B 61 20.85 -4.04 20.17
CA PRO B 61 19.83 -3.15 20.75
C PRO B 61 19.24 -2.13 19.79
N HIS B 62 19.24 -2.43 18.49
CA HIS B 62 18.68 -1.51 17.51
C HIS B 62 17.17 -1.38 17.69
N ASP B 63 16.58 -0.34 17.11
CA ASP B 63 15.14 -0.12 17.23
C ASP B 63 14.27 -1.32 16.83
N GLU B 64 14.61 -1.97 15.73
CA GLU B 64 13.82 -3.12 15.32
C GLU B 64 14.50 -4.16 14.45
N LEU B 65 13.85 -5.30 14.38
CA LEU B 65 14.31 -6.44 13.59
C LEU B 65 13.68 -6.35 12.21
N THR B 66 14.44 -6.64 11.17
CA THR B 66 13.90 -6.68 9.83
C THR B 66 13.73 -8.20 9.68
N PRO B 67 12.50 -8.70 9.91
CA PRO B 67 12.06 -10.09 9.86
C PRO B 67 12.27 -10.90 8.58
N VAL B 68 12.48 -10.25 7.46
CA VAL B 68 12.67 -10.98 6.21
C VAL B 68 14.15 -11.19 5.89
N SER B 69 14.95 -10.16 6.10
CA SER B 69 16.38 -10.22 5.82
C SER B 69 17.17 -10.55 7.08
N ASN B 70 16.49 -10.68 8.21
CA ASN B 70 17.14 -10.98 9.49
C ASN B 70 18.23 -9.94 9.75
N GLY B 71 17.87 -8.67 9.66
CA GLY B 71 18.83 -7.61 9.91
C GLY B 71 18.28 -6.71 11.00
N HIS B 72 18.57 -5.42 10.90
CA HIS B 72 18.08 -4.48 11.89
C HIS B 72 17.88 -3.10 11.29
N ALA B 73 17.06 -2.28 11.95
CA ALA B 73 16.80 -0.93 11.48
C ALA B 73 16.60 -0.03 12.69
N ASP B 74 16.62 1.28 12.47
CA ASP B 74 16.42 2.24 13.56
C ASP B 74 15.51 3.36 13.11
N SER B 75 14.21 3.09 13.10
CA SER B 75 13.23 4.07 12.68
C SER B 75 12.74 4.89 13.87
N ARG B 76 13.25 4.57 15.05
CA ARG B 76 12.84 5.27 16.27
C ARG B 76 13.98 5.90 17.07
N ASN B 77 14.88 6.58 16.36
CA ASN B 77 16.02 7.28 16.97
C ASN B 77 17.16 6.48 17.56
N GLY B 78 17.17 5.17 17.35
CA GLY B 78 18.27 4.35 17.83
C GLY B 78 18.35 3.88 19.27
N TRP B 79 17.41 4.22 20.13
CA TRP B 79 17.54 3.72 21.50
C TRP B 79 16.80 2.42 21.84
N GLY B 80 16.58 1.57 20.83
CA GLY B 80 15.92 0.30 21.05
C GLY B 80 14.44 0.33 21.35
N ALA B 81 13.64 0.75 20.38
CA ALA B 81 12.19 0.84 20.55
C ALA B 81 11.53 -0.51 20.83
N SER B 82 12.02 -1.57 20.18
CA SER B 82 11.45 -2.90 20.38
C SER B 82 11.67 -3.40 21.79
N ALA B 83 12.83 -3.09 22.36
CA ALA B 83 13.12 -3.53 23.72
C ALA B 83 12.21 -2.79 24.71
N VAL B 84 12.17 -1.46 24.61
CA VAL B 84 11.35 -0.66 25.52
C VAL B 84 9.85 -0.89 25.34
N ASP B 85 9.41 -1.07 24.10
CA ASP B 85 7.98 -1.31 23.84
C ASP B 85 7.56 -2.69 24.29
N ALA B 86 8.52 -3.59 24.38
CA ALA B 86 8.24 -4.96 24.81
C ALA B 86 8.21 -5.17 26.33
N LEU B 87 8.83 -4.24 27.07
CA LEU B 87 8.91 -4.34 28.53
C LEU B 87 7.53 -4.58 29.15
N SER B 88 6.62 -3.66 28.89
CA SER B 88 5.25 -3.70 29.39
C SER B 88 4.59 -5.06 29.19
N THR B 89 4.89 -5.73 28.08
CA THR B 89 4.29 -7.02 27.78
C THR B 89 5.02 -8.18 28.44
N ALA B 90 6.35 -8.11 28.50
CA ALA B 90 7.14 -9.16 29.11
C ALA B 90 6.79 -9.28 30.59
N VAL B 91 6.58 -8.13 31.23
CA VAL B 91 6.23 -8.12 32.65
C VAL B 91 4.91 -8.84 32.88
N ILE B 92 3.88 -8.45 32.14
CA ILE B 92 2.56 -9.06 32.26
C ILE B 92 2.57 -10.57 31.97
N MET B 93 3.44 -11.01 31.08
CA MET B 93 3.53 -12.42 30.75
C MET B 93 4.38 -13.14 31.79
N GLY B 94 5.06 -12.36 32.63
CA GLY B 94 5.89 -12.94 33.66
C GLY B 94 7.24 -13.45 33.17
N LYS B 95 7.80 -12.80 32.15
CA LYS B 95 9.10 -13.21 31.63
C LYS B 95 10.19 -12.32 32.22
N ALA B 96 10.61 -12.65 33.45
CA ALA B 96 11.63 -11.89 34.16
C ALA B 96 12.95 -11.82 33.40
N ASP B 97 13.29 -12.91 32.72
CA ASP B 97 14.53 -12.96 31.94
C ASP B 97 14.52 -11.83 30.92
N VAL B 98 13.43 -11.71 30.17
CA VAL B 98 13.31 -10.66 29.16
C VAL B 98 13.25 -9.29 29.85
N VAL B 99 12.48 -9.20 30.94
CA VAL B 99 12.35 -7.95 31.66
C VAL B 99 13.70 -7.39 32.11
N ASN B 100 14.59 -8.29 32.54
CA ASN B 100 15.92 -7.88 32.98
C ASN B 100 16.74 -7.32 31.82
N ALA B 101 16.87 -8.11 30.76
CA ALA B 101 17.62 -7.71 29.58
C ALA B 101 17.21 -6.31 29.15
N ILE B 102 15.91 -6.06 29.17
CA ILE B 102 15.38 -4.76 28.77
C ILE B 102 15.78 -3.70 29.81
N LEU B 103 15.64 -4.04 31.08
CA LEU B 103 15.98 -3.11 32.16
C LEU B 103 17.44 -2.70 32.10
N GLU B 104 18.32 -3.67 31.83
CA GLU B 104 19.74 -3.38 31.74
C GLU B 104 19.95 -2.30 30.69
N HIS B 105 19.49 -2.60 29.47
CA HIS B 105 19.62 -1.70 28.33
C HIS B 105 19.06 -0.30 28.54
N VAL B 106 17.90 -0.19 29.17
CA VAL B 106 17.32 1.13 29.39
C VAL B 106 18.21 1.96 30.31
N ALA B 107 19.12 1.28 31.00
CA ALA B 107 20.04 1.96 31.91
C ALA B 107 21.21 2.54 31.13
N ASP B 108 21.53 1.92 30.01
CA ASP B 108 22.64 2.36 29.17
C ASP B 108 22.21 3.24 28.01
N ILE B 109 21.04 3.86 28.12
CA ILE B 109 20.53 4.72 27.05
C ILE B 109 20.78 6.20 27.31
N ASP B 110 21.18 6.92 26.26
CA ASP B 110 21.45 8.34 26.34
C ASP B 110 20.46 9.10 25.47
N PHE B 111 19.29 9.40 26.03
CA PHE B 111 18.23 10.10 25.31
C PHE B 111 18.61 11.49 24.80
N SER B 112 19.87 11.86 24.91
CA SER B 112 20.30 13.17 24.42
C SER B 112 21.02 13.02 23.09
N LYS B 113 21.56 11.83 22.87
CA LYS B 113 22.29 11.54 21.64
C LYS B 113 21.46 10.77 20.60
N THR B 114 21.15 11.44 19.49
CA THR B 114 20.41 10.81 18.41
C THR B 114 20.82 11.44 17.08
N SER B 115 20.96 10.61 16.05
CA SER B 115 21.36 11.07 14.72
C SER B 115 20.20 11.60 13.90
N ASP B 116 18.98 11.26 14.29
CA ASP B 116 17.80 11.71 13.56
C ASP B 116 16.94 12.66 14.35
N THR B 117 16.00 13.28 13.65
CA THR B 117 15.07 14.20 14.28
C THR B 117 14.15 13.34 15.15
N VAL B 118 13.38 13.97 16.03
CA VAL B 118 12.50 13.21 16.90
C VAL B 118 11.05 13.66 16.90
N SER B 119 10.15 12.69 16.87
CA SER B 119 8.72 12.97 16.90
C SER B 119 8.32 12.97 18.37
N LEU B 120 7.76 14.09 18.83
CA LEU B 120 7.35 14.19 20.23
C LEU B 120 6.29 13.13 20.54
N PHE B 121 5.41 12.91 19.58
CA PHE B 121 4.32 11.95 19.73
C PHE B 121 4.83 10.52 19.86
N GLU B 122 5.52 10.04 18.84
CA GLU B 122 6.03 8.67 18.85
C GLU B 122 6.96 8.40 20.02
N THR B 123 7.77 9.38 20.39
CA THR B 123 8.71 9.20 21.49
C THR B 123 7.97 9.15 22.82
N THR B 124 6.85 9.86 22.89
CA THR B 124 6.06 9.89 24.10
C THR B 124 5.23 8.62 24.31
N ILE B 125 4.49 8.19 23.28
CA ILE B 125 3.65 7.00 23.41
C ILE B 125 4.41 5.68 23.47
N ARG B 126 5.64 5.65 22.97
CA ARG B 126 6.40 4.42 22.99
C ARG B 126 7.43 4.42 24.12
N TYR B 127 8.37 5.34 24.07
CA TYR B 127 9.42 5.43 25.09
C TYR B 127 9.00 5.90 26.47
N LEU B 128 8.40 7.08 26.53
CA LEU B 128 7.96 7.64 27.81
C LEU B 128 7.00 6.65 28.47
N ALA B 129 5.83 6.49 27.87
CA ALA B 129 4.83 5.56 28.39
C ALA B 129 5.41 4.17 28.62
N GLY B 130 6.34 3.77 27.77
CA GLY B 130 6.95 2.45 27.89
C GLY B 130 7.63 2.22 29.23
N MET B 131 8.47 3.16 29.63
CA MET B 131 9.21 3.05 30.89
C MET B 131 8.29 3.27 32.09
N LEU B 132 7.43 4.29 32.00
CA LEU B 132 6.50 4.57 33.09
C LEU B 132 5.65 3.35 33.39
N SER B 133 5.11 2.75 32.34
CA SER B 133 4.28 1.56 32.49
C SER B 133 5.10 0.46 33.17
N GLY B 134 6.32 0.24 32.69
CA GLY B 134 7.16 -0.77 33.29
C GLY B 134 7.34 -0.51 34.77
N TYR B 135 7.40 0.78 35.12
CA TYR B 135 7.56 1.20 36.50
C TYR B 135 6.31 0.89 37.32
N ASP B 136 5.17 1.44 36.93
CA ASP B 136 3.93 1.19 37.65
C ASP B 136 3.67 -0.29 37.83
N LEU B 137 4.04 -1.10 36.83
CA LEU B 137 3.82 -2.53 36.90
C LEU B 137 4.75 -3.21 37.90
N LEU B 138 6.04 -2.93 37.79
CA LEU B 138 7.04 -3.53 38.67
C LEU B 138 7.03 -2.96 40.09
N GLN B 139 6.34 -1.84 40.26
CA GLN B 139 6.26 -1.20 41.57
C GLN B 139 4.94 -1.55 42.26
N GLY B 140 4.09 -2.30 41.55
CA GLY B 140 2.82 -2.67 42.13
C GLY B 140 2.41 -4.13 41.97
N PRO B 141 1.48 -4.44 41.06
CA PRO B 141 1.01 -5.81 40.82
C PRO B 141 2.10 -6.84 40.53
N ALA B 142 3.14 -6.44 39.82
CA ALA B 142 4.23 -7.36 39.49
C ALA B 142 5.41 -7.15 40.42
N LYS B 143 5.14 -6.57 41.59
CA LYS B 143 6.15 -6.29 42.59
C LYS B 143 7.14 -7.42 42.84
N ASN B 144 6.66 -8.66 42.80
CA ASN B 144 7.51 -9.83 43.04
C ASN B 144 7.92 -10.53 41.75
N LEU B 145 8.79 -9.90 40.96
CA LEU B 145 9.23 -10.49 39.71
C LEU B 145 10.72 -10.24 39.44
N VAL B 146 11.17 -9.02 39.70
CA VAL B 146 12.57 -8.65 39.49
C VAL B 146 13.25 -8.38 40.83
N ASP B 147 14.55 -8.67 40.90
CA ASP B 147 15.33 -8.48 42.11
C ASP B 147 15.88 -7.05 42.20
N ASN B 148 16.83 -6.75 41.33
CA ASN B 148 17.47 -5.44 41.29
C ASN B 148 16.44 -4.31 41.33
N GLN B 149 16.47 -3.53 42.40
CA GLN B 149 15.54 -2.41 42.57
C GLN B 149 16.06 -1.17 41.85
N ASP B 150 17.37 -1.08 41.70
CA ASP B 150 17.98 0.06 41.02
C ASP B 150 17.40 0.19 39.62
N LEU B 151 17.28 -0.94 38.92
CA LEU B 151 16.75 -0.96 37.56
C LEU B 151 15.33 -0.42 37.54
N ILE B 152 14.50 -0.93 38.43
CA ILE B 152 13.11 -0.51 38.51
C ILE B 152 13.00 1.00 38.69
N ASP B 153 13.94 1.58 39.44
CA ASP B 153 13.93 3.01 39.69
C ASP B 153 14.63 3.74 38.55
N GLY B 154 15.49 3.04 37.83
CA GLY B 154 16.19 3.63 36.71
C GLY B 154 15.17 4.06 35.66
N LEU B 155 14.05 3.33 35.61
CA LEU B 155 12.98 3.63 34.66
C LEU B 155 12.44 5.04 34.90
N LEU B 156 12.21 5.39 36.15
CA LEU B 156 11.68 6.71 36.49
C LEU B 156 12.73 7.79 36.25
N ASP B 157 14.00 7.44 36.45
CA ASP B 157 15.08 8.40 36.22
C ASP B 157 15.18 8.69 34.73
N GLN B 158 15.26 7.64 33.92
CA GLN B 158 15.35 7.75 32.47
C GLN B 158 14.10 8.41 31.88
N SER B 159 12.96 8.13 32.48
CA SER B 159 11.70 8.71 32.01
C SER B 159 11.74 10.22 32.16
N ARG B 160 12.34 10.69 33.25
CA ARG B 160 12.45 12.12 33.49
C ARG B 160 13.55 12.69 32.60
N ASN B 161 14.65 11.96 32.47
CA ASN B 161 15.75 12.41 31.62
C ASN B 161 15.24 12.65 30.20
N LEU B 162 14.44 11.71 29.71
CA LEU B 162 13.87 11.82 28.37
C LEU B 162 12.98 13.04 28.22
N ALA B 163 12.01 13.16 29.12
CA ALA B 163 11.08 14.29 29.08
C ALA B 163 11.82 15.62 29.19
N ASP B 164 12.97 15.61 29.83
CA ASP B 164 13.78 16.81 30.00
C ASP B 164 14.44 17.30 28.72
N VAL B 165 14.85 16.36 27.86
CA VAL B 165 15.50 16.73 26.60
C VAL B 165 14.47 17.06 25.53
N LEU B 166 13.21 16.70 25.78
CA LEU B 166 12.16 16.93 24.80
C LEU B 166 11.25 18.13 25.13
N LYS B 167 11.15 18.47 26.41
CA LYS B 167 10.28 19.56 26.85
C LYS B 167 10.40 20.90 26.14
N PHE B 168 11.58 21.24 25.63
CA PHE B 168 11.74 22.51 24.94
C PHE B 168 10.75 22.58 23.76
N ALA B 169 10.27 21.42 23.33
CA ALA B 169 9.33 21.34 22.23
C ALA B 169 8.09 22.18 22.51
N PHE B 170 7.71 22.27 23.77
CA PHE B 170 6.55 23.05 24.17
C PHE B 170 6.89 24.52 24.33
N ASP B 171 8.15 24.86 24.14
CA ASP B 171 8.61 26.25 24.28
C ASP B 171 8.19 27.11 23.10
N THR B 172 6.88 27.29 22.93
CA THR B 172 6.35 28.09 21.84
C THR B 172 5.38 29.15 22.38
N PRO B 173 4.86 30.02 21.50
CA PRO B 173 3.93 31.08 21.92
C PRO B 173 2.64 30.58 22.57
N SER B 174 1.91 29.74 21.84
CA SER B 174 0.63 29.21 22.34
C SER B 174 0.78 28.12 23.39
N GLY B 175 1.87 27.36 23.30
CA GLY B 175 2.08 26.27 24.23
C GLY B 175 2.02 24.97 23.44
N VAL B 176 1.31 25.01 22.31
CA VAL B 176 1.21 23.86 21.43
C VAL B 176 2.62 23.63 20.92
N PRO B 177 3.21 22.46 21.22
CA PRO B 177 4.57 22.10 20.83
C PRO B 177 4.84 21.75 19.37
N TYR B 178 6.12 21.55 19.07
CA TYR B 178 6.59 21.16 17.76
C TYR B 178 6.77 19.66 17.87
N ASN B 179 6.08 18.91 17.03
CA ASN B 179 6.19 17.46 17.08
C ASN B 179 7.55 16.97 16.61
N ASN B 180 7.98 17.45 15.45
CA ASN B 180 9.27 17.05 14.89
C ASN B 180 10.33 18.04 15.34
N ILE B 181 11.30 17.55 16.10
CA ILE B 181 12.34 18.43 16.62
C ILE B 181 13.75 17.84 16.58
N ASN B 182 14.72 18.72 16.81
CA ASN B 182 16.13 18.36 16.84
C ASN B 182 16.58 18.60 18.28
N ILE B 183 16.68 17.54 19.06
CA ILE B 183 17.07 17.67 20.46
C ILE B 183 18.50 18.18 20.64
N THR B 184 19.30 18.13 19.59
CA THR B 184 20.68 18.59 19.69
C THR B 184 20.82 20.09 19.49
N SER B 185 20.12 20.62 18.50
CA SER B 185 20.18 22.05 18.21
C SER B 185 18.99 22.79 18.80
N HIS B 186 18.00 22.03 19.28
CA HIS B 186 16.79 22.61 19.84
C HIS B 186 15.97 23.18 18.70
N GLY B 187 16.43 22.93 17.48
CA GLY B 187 15.72 23.42 16.31
C GLY B 187 14.44 22.65 16.06
N ASN B 188 13.60 23.16 15.15
CA ASN B 188 12.35 22.50 14.86
C ASN B 188 12.00 22.37 13.39
N ASP B 189 10.94 21.59 13.15
CA ASP B 189 10.42 21.30 11.82
C ASP B 189 10.06 22.55 11.03
N GLY B 190 9.88 23.66 11.74
CA GLY B 190 9.51 24.90 11.06
C GLY B 190 8.05 24.85 10.69
N ALA B 191 7.35 23.82 11.16
CA ALA B 191 5.94 23.66 10.89
C ALA B 191 5.17 24.80 11.55
N THR B 192 4.07 25.20 10.91
CA THR B 192 3.26 26.29 11.44
C THR B 192 2.06 25.72 12.22
N THR B 193 1.84 24.42 12.08
CA THR B 193 0.74 23.77 12.76
C THR B 193 1.13 22.41 13.33
N ASN B 194 0.26 21.84 14.16
CA ASN B 194 0.49 20.54 14.77
C ASN B 194 -0.83 19.77 14.70
N GLY B 195 -0.75 18.50 14.33
CA GLY B 195 -1.94 17.67 14.22
C GLY B 195 -2.69 17.45 15.52
N LEU B 196 -3.98 17.11 15.38
CA LEU B 196 -4.86 16.85 16.52
C LEU B 196 -4.26 15.80 17.46
N ALA B 197 -4.16 14.57 16.95
CA ALA B 197 -3.64 13.45 17.73
C ALA B 197 -2.24 13.68 18.28
N VAL B 198 -1.32 14.16 17.45
CA VAL B 198 0.04 14.40 17.91
C VAL B 198 0.08 15.41 19.04
N THR B 199 -0.96 16.22 19.15
CA THR B 199 -1.05 17.23 20.20
C THR B 199 -1.82 16.72 21.41
N GLY B 200 -2.97 16.07 21.16
CA GLY B 200 -3.79 15.59 22.25
C GLY B 200 -3.54 14.17 22.75
N THR B 201 -2.35 13.64 22.53
CA THR B 201 -2.03 12.29 22.99
C THR B 201 -0.72 12.32 23.74
N LEU B 202 -0.59 13.33 24.61
CA LEU B 202 0.62 13.50 25.41
C LEU B 202 0.26 13.60 26.89
N VAL B 203 -0.87 14.26 27.16
CA VAL B 203 -1.34 14.47 28.54
C VAL B 203 -1.29 13.26 29.47
N LEU B 204 -1.65 12.09 28.98
CA LEU B 204 -1.63 10.92 29.84
C LEU B 204 -0.25 10.65 30.45
N GLU B 205 0.75 10.40 29.62
CA GLU B 205 2.08 10.09 30.15
C GLU B 205 2.88 11.24 30.74
N TRP B 206 2.60 12.47 30.31
CA TRP B 206 3.33 13.61 30.85
C TRP B 206 2.80 13.92 32.25
N THR B 207 1.48 14.00 32.38
CA THR B 207 0.85 14.27 33.67
C THR B 207 1.22 13.16 34.66
N ARG B 208 1.41 11.95 34.13
CA ARG B 208 1.78 10.81 34.95
C ARG B 208 3.20 10.96 35.49
N LEU B 209 4.06 11.60 34.70
CA LEU B 209 5.44 11.81 35.12
C LEU B 209 5.50 12.83 36.27
N SER B 210 4.61 13.82 36.23
CA SER B 210 4.54 14.83 37.27
C SER B 210 4.09 14.20 38.58
N ASP B 211 3.04 13.37 38.51
CA ASP B 211 2.50 12.71 39.68
C ASP B 211 3.47 11.77 40.40
N LEU B 212 4.44 11.24 39.65
CA LEU B 212 5.41 10.33 40.25
C LEU B 212 6.69 11.05 40.68
N THR B 213 6.90 12.24 40.15
CA THR B 213 8.09 13.01 40.48
C THR B 213 7.78 14.15 41.45
N GLY B 214 6.61 14.76 41.28
CA GLY B 214 6.22 15.87 42.13
C GLY B 214 6.42 17.16 41.38
N ASP B 215 7.22 17.10 40.32
CA ASP B 215 7.50 18.26 39.49
C ASP B 215 6.33 18.54 38.58
N GLU B 216 5.50 19.51 38.93
CA GLU B 216 4.32 19.86 38.15
C GLU B 216 4.61 20.39 36.73
N GLU B 217 5.88 20.61 36.44
CA GLU B 217 6.30 21.12 35.13
C GLU B 217 5.76 20.31 33.95
N TYR B 218 6.10 19.02 33.93
CA TYR B 218 5.67 18.12 32.86
C TYR B 218 4.16 18.11 32.62
N ALA B 219 3.38 18.13 33.70
CA ALA B 219 1.93 18.13 33.60
C ALA B 219 1.38 19.44 33.04
N LYS B 220 1.90 20.57 33.53
CA LYS B 220 1.43 21.87 33.07
C LYS B 220 1.70 22.09 31.59
N LEU B 221 2.86 21.67 31.13
CA LEU B 221 3.24 21.80 29.74
C LEU B 221 2.22 21.11 28.82
N SER B 222 2.05 19.81 29.02
CA SER B 222 1.13 19.03 28.21
C SER B 222 -0.33 19.47 28.34
N GLN B 223 -0.80 19.65 29.57
CA GLN B 223 -2.19 20.06 29.78
C GLN B 223 -2.46 21.41 29.13
N LYS B 224 -1.42 22.26 29.11
CA LYS B 224 -1.55 23.57 28.49
C LYS B 224 -1.92 23.34 27.03
N ALA B 225 -1.18 22.46 26.37
CA ALA B 225 -1.42 22.14 24.97
C ALA B 225 -2.83 21.58 24.82
N GLU B 226 -3.20 20.68 25.72
CA GLU B 226 -4.51 20.06 25.69
C GLU B 226 -5.65 21.08 25.79
N SER B 227 -5.46 22.09 26.65
CA SER B 227 -6.48 23.12 26.87
C SER B 227 -7.12 23.64 25.58
N TYR B 228 -6.29 24.04 24.62
CA TYR B 228 -6.79 24.55 23.35
C TYR B 228 -7.72 23.56 22.65
N LEU B 229 -7.50 22.27 22.90
CA LEU B 229 -8.32 21.23 22.29
C LEU B 229 -9.68 21.13 22.98
N LEU B 230 -9.71 21.44 24.27
CA LEU B 230 -10.95 21.39 25.05
C LEU B 230 -11.83 22.60 24.75
N LYS B 231 -11.20 23.72 24.40
CA LYS B 231 -11.92 24.95 24.07
C LYS B 231 -11.58 25.32 22.62
N PRO B 232 -12.22 24.66 21.65
CA PRO B 232 -11.99 24.91 20.23
C PRO B 232 -12.33 26.31 19.70
N GLN B 233 -11.30 26.99 19.19
CA GLN B 233 -11.43 28.31 18.60
C GLN B 233 -10.66 28.30 17.28
N PRO B 234 -11.26 28.84 16.20
CA PRO B 234 -12.57 29.47 16.14
C PRO B 234 -13.73 28.48 16.28
N SER B 235 -14.88 28.99 16.69
CA SER B 235 -16.08 28.17 16.87
C SER B 235 -16.38 27.34 15.63
N SER B 236 -16.04 27.87 14.47
CA SER B 236 -16.29 27.19 13.20
C SER B 236 -15.54 25.86 13.12
N SER B 237 -14.41 25.77 13.82
CA SER B 237 -13.59 24.56 13.82
C SER B 237 -14.27 23.41 14.56
N GLU B 238 -15.45 23.67 15.12
CA GLU B 238 -16.17 22.65 15.85
C GLU B 238 -17.51 22.39 15.18
N PRO B 239 -17.50 21.70 14.03
CA PRO B 239 -18.72 21.38 13.27
C PRO B 239 -19.86 20.87 14.15
N PHE B 240 -19.51 20.17 15.22
CA PHE B 240 -20.49 19.65 16.17
C PHE B 240 -19.90 19.66 17.56
N PRO B 241 -20.74 19.53 18.59
CA PRO B 241 -20.23 19.55 19.97
C PRO B 241 -19.27 18.39 20.22
N GLY B 242 -18.01 18.70 20.53
CA GLY B 242 -17.04 17.65 20.79
C GLY B 242 -16.17 17.27 19.60
N LEU B 243 -16.67 17.52 18.39
CA LEU B 243 -15.92 17.20 17.17
C LEU B 243 -15.14 18.42 16.67
N VAL B 244 -13.86 18.46 16.98
CA VAL B 244 -12.99 19.56 16.57
C VAL B 244 -12.32 19.32 15.23
N GLY B 245 -11.33 20.16 14.93
CA GLY B 245 -10.59 20.05 13.68
C GLY B 245 -9.39 19.14 13.80
N SER B 246 -8.61 19.04 12.73
CA SER B 246 -7.45 18.16 12.70
C SER B 246 -6.09 18.82 12.89
N SER B 247 -6.03 20.15 12.84
CA SER B 247 -4.76 20.85 13.01
C SER B 247 -4.85 22.08 13.90
N ILE B 248 -3.77 22.36 14.62
CA ILE B 248 -3.72 23.50 15.54
C ILE B 248 -2.49 24.38 15.24
N ASN B 249 -2.68 25.69 15.22
CA ASN B 249 -1.59 26.63 14.96
C ASN B 249 -0.66 26.74 16.15
N ILE B 250 0.62 26.48 15.93
CA ILE B 250 1.61 26.55 17.01
C ILE B 250 1.72 27.94 17.64
N ASN B 251 1.27 28.96 16.91
CA ASN B 251 1.35 30.32 17.42
C ASN B 251 0.09 30.71 18.19
N ASP B 252 -1.07 30.54 17.57
CA ASP B 252 -2.34 30.87 18.21
C ASP B 252 -2.78 29.82 19.21
N GLY B 253 -3.26 28.71 18.68
CA GLY B 253 -3.76 27.62 19.50
C GLY B 253 -5.12 27.29 18.92
N GLN B 254 -5.39 27.89 17.77
CA GLN B 254 -6.64 27.72 17.06
C GLN B 254 -6.54 26.57 16.06
N PHE B 255 -7.68 26.19 15.48
CA PHE B 255 -7.72 25.11 14.51
C PHE B 255 -7.65 25.63 13.09
N ALA B 256 -6.66 25.14 12.34
CA ALA B 256 -6.44 25.56 10.96
C ALA B 256 -7.50 25.07 9.98
N ASP B 257 -8.24 24.03 10.35
CA ASP B 257 -9.28 23.51 9.47
C ASP B 257 -10.52 23.06 10.23
N SER B 258 -11.50 22.54 9.49
CA SER B 258 -12.74 22.07 10.07
C SER B 258 -13.04 20.64 9.65
N ARG B 259 -11.99 19.84 9.49
CA ARG B 259 -12.15 18.45 9.10
C ARG B 259 -12.16 17.60 10.36
N VAL B 260 -13.21 16.81 10.55
CA VAL B 260 -13.31 15.96 11.73
C VAL B 260 -13.42 14.48 11.36
N SER B 261 -12.76 13.65 12.16
CA SER B 261 -12.77 12.21 11.95
C SER B 261 -12.01 11.50 13.06
N TRP B 262 -12.17 10.17 13.11
CA TRP B 262 -11.51 9.36 14.12
C TRP B 262 -10.37 8.54 13.51
N ASN B 263 -9.96 8.89 12.29
CA ASN B 263 -8.89 8.17 11.60
C ASN B 263 -7.52 8.63 12.07
N GLY B 264 -6.48 8.01 11.51
CA GLY B 264 -5.12 8.38 11.87
C GLY B 264 -4.94 9.89 11.79
N GLY B 265 -4.19 10.45 12.73
CA GLY B 265 -3.98 11.88 12.73
C GLY B 265 -4.96 12.60 13.63
N ASP B 266 -6.04 11.92 14.01
CA ASP B 266 -7.06 12.49 14.91
C ASP B 266 -7.42 11.51 16.01
N ASP B 267 -7.67 10.28 15.62
CA ASP B 267 -8.04 9.17 16.53
C ASP B 267 -7.68 9.33 18.01
N SER B 268 -6.40 9.10 18.30
CA SER B 268 -5.84 9.15 19.64
C SER B 268 -6.34 10.29 20.56
N PHE B 269 -6.62 11.46 20.00
CA PHE B 269 -7.11 12.57 20.82
C PHE B 269 -8.35 12.15 21.61
N TYR B 270 -9.38 11.75 20.90
CA TYR B 270 -10.64 11.32 21.51
C TYR B 270 -10.43 10.18 22.50
N GLU B 271 -9.50 9.30 22.18
CA GLU B 271 -9.19 8.16 23.04
C GLU B 271 -8.75 8.61 24.42
N TYR B 272 -7.77 9.51 24.47
CA TYR B 272 -7.24 10.02 25.72
C TYR B 272 -8.21 10.91 26.51
N LEU B 273 -9.26 11.37 25.86
CA LEU B 273 -10.25 12.23 26.51
C LEU B 273 -10.97 11.47 27.62
N ILE B 274 -11.52 10.30 27.30
CA ILE B 274 -12.22 9.49 28.29
C ILE B 274 -11.22 8.76 29.20
N LYS B 275 -10.05 8.44 28.66
CA LYS B 275 -9.04 7.75 29.45
C LYS B 275 -8.47 8.64 30.56
N MET B 276 -8.41 9.94 30.33
CA MET B 276 -7.91 10.85 31.37
C MET B 276 -8.90 10.88 32.53
N TYR B 277 -10.18 10.67 32.21
CA TYR B 277 -11.23 10.66 33.21
C TYR B 277 -11.03 9.43 34.10
N VAL B 278 -10.54 8.34 33.49
CA VAL B 278 -10.28 7.11 34.22
C VAL B 278 -9.01 7.24 35.05
N TYR B 279 -8.08 8.06 34.57
CA TYR B 279 -6.83 8.26 35.30
C TYR B 279 -7.10 8.95 36.63
N ASP B 280 -7.93 9.99 36.60
CA ASP B 280 -8.30 10.75 37.79
C ASP B 280 -9.61 11.48 37.52
N PRO B 281 -10.74 10.89 37.92
CA PRO B 281 -12.06 11.49 37.73
C PRO B 281 -12.21 12.89 38.34
N LYS B 282 -11.40 13.19 39.34
CA LYS B 282 -11.44 14.50 40.00
C LYS B 282 -10.91 15.59 39.07
N ARG B 283 -9.61 15.55 38.82
CA ARG B 283 -8.93 16.52 37.97
C ARG B 283 -9.43 16.65 36.54
N PHE B 284 -9.96 15.58 35.95
CA PHE B 284 -10.40 15.66 34.56
C PHE B 284 -11.85 15.36 34.25
N GLU B 285 -12.75 15.88 35.09
CA GLU B 285 -14.17 15.69 34.87
C GLU B 285 -14.47 16.38 33.54
N THR B 286 -13.75 17.48 33.29
CA THR B 286 -13.89 18.27 32.08
C THR B 286 -13.64 17.46 30.82
N TYR B 287 -12.66 16.56 30.88
CA TYR B 287 -12.31 15.73 29.74
C TYR B 287 -13.46 14.79 29.39
N LYS B 288 -14.06 14.17 30.41
CA LYS B 288 -15.18 13.26 30.18
C LYS B 288 -16.33 14.01 29.52
N ASP B 289 -16.55 15.25 29.97
CA ASP B 289 -17.62 16.08 29.43
C ASP B 289 -17.48 16.28 27.93
N ARG B 290 -16.29 16.69 27.50
CA ARG B 290 -16.02 16.90 26.08
C ARG B 290 -16.13 15.59 25.31
N TRP B 291 -15.63 14.51 25.92
CA TRP B 291 -15.68 13.20 25.29
C TRP B 291 -17.12 12.77 25.09
N VAL B 292 -17.95 13.01 26.11
CA VAL B 292 -19.37 12.65 26.03
C VAL B 292 -20.00 13.42 24.89
N LEU B 293 -19.54 14.66 24.72
CA LEU B 293 -20.04 15.53 23.66
C LEU B 293 -19.68 14.93 22.31
N ALA B 294 -18.42 14.54 22.17
CA ALA B 294 -17.93 13.95 20.94
C ALA B 294 -18.57 12.59 20.69
N ALA B 295 -18.59 11.76 21.72
CA ALA B 295 -19.18 10.43 21.64
C ALA B 295 -20.60 10.49 21.10
N GLU B 296 -21.37 11.47 21.57
CA GLU B 296 -22.75 11.64 21.13
C GLU B 296 -22.84 12.26 19.75
N SER B 297 -22.03 13.29 19.49
CA SER B 297 -22.05 13.94 18.19
C SER B 297 -21.64 12.92 17.13
N THR B 298 -20.76 12.00 17.51
CA THR B 298 -20.29 10.95 16.60
C THR B 298 -21.44 10.01 16.23
N ILE B 299 -22.10 9.46 17.24
CA ILE B 299 -23.20 8.53 17.02
C ILE B 299 -24.34 9.19 16.24
N LYS B 300 -24.39 10.52 16.28
CA LYS B 300 -25.45 11.24 15.58
C LYS B 300 -25.07 11.80 14.21
N HIS B 301 -23.78 11.93 13.92
CA HIS B 301 -23.38 12.47 12.63
C HIS B 301 -22.29 11.72 11.86
N LEU B 302 -21.57 10.83 12.54
CA LEU B 302 -20.51 10.07 11.87
C LEU B 302 -20.91 8.62 11.62
N LYS B 303 -21.96 8.17 12.29
CA LYS B 303 -22.44 6.80 12.13
C LYS B 303 -22.77 6.58 10.65
N SER B 304 -22.44 5.40 10.13
CA SER B 304 -22.71 5.11 8.73
C SER B 304 -22.83 3.62 8.45
N HIS B 305 -23.74 3.28 7.55
CA HIS B 305 -23.96 1.89 7.17
C HIS B 305 -23.79 1.76 5.66
N PRO B 306 -23.05 0.74 5.19
CA PRO B 306 -22.86 0.57 3.75
C PRO B 306 -24.20 0.26 3.07
N LYS B 307 -24.32 0.57 1.79
CA LYS B 307 -25.56 0.32 1.07
C LYS B 307 -25.88 -1.17 0.94
N SER B 308 -24.90 -1.95 0.54
CA SER B 308 -25.08 -3.39 0.36
C SER B 308 -25.12 -4.16 1.68
N ARG B 309 -24.81 -3.47 2.77
CA ARG B 309 -24.81 -4.11 4.09
C ARG B 309 -25.22 -3.14 5.19
N PRO B 310 -26.53 -2.82 5.28
CA PRO B 310 -27.05 -1.90 6.29
C PRO B 310 -26.81 -2.39 7.72
N ASP B 311 -26.67 -3.71 7.85
CA ASP B 311 -26.45 -4.32 9.15
C ASP B 311 -25.04 -4.07 9.70
N LEU B 312 -24.23 -3.33 8.96
CA LEU B 312 -22.88 -3.02 9.40
C LEU B 312 -22.69 -1.52 9.64
N THR B 313 -21.89 -1.19 10.65
CA THR B 313 -21.65 0.20 10.99
C THR B 313 -20.18 0.59 10.92
N PHE B 314 -19.91 1.74 10.31
CA PHE B 314 -18.56 2.27 10.17
C PHE B 314 -18.64 3.77 10.43
N LEU B 315 -17.53 4.35 10.87
CA LEU B 315 -17.50 5.79 11.12
C LEU B 315 -16.97 6.48 9.87
N SER B 316 -17.50 7.67 9.59
CA SER B 316 -17.08 8.43 8.42
C SER B 316 -16.41 9.73 8.85
N SER B 317 -15.84 10.45 7.90
CA SER B 317 -15.18 11.72 8.19
C SER B 317 -16.07 12.85 7.70
N TYR B 318 -15.81 14.05 8.23
CA TYR B 318 -16.59 15.22 7.86
C TYR B 318 -15.67 16.41 7.67
N SER B 319 -15.81 17.10 6.55
CA SER B 319 -14.98 18.26 6.26
C SER B 319 -15.85 19.51 6.16
N ASN B 320 -16.55 19.67 5.04
CA ASN B 320 -17.44 20.81 4.84
C ASN B 320 -18.69 20.37 4.11
N ARG B 321 -19.72 20.04 4.88
CA ARG B 321 -21.00 19.59 4.33
C ARG B 321 -20.89 18.24 3.63
N ASN B 322 -19.67 17.83 3.30
CA ASN B 322 -19.47 16.55 2.61
C ASN B 322 -18.87 15.47 3.51
N TYR B 323 -19.48 14.29 3.46
CA TYR B 323 -19.02 13.15 4.27
C TYR B 323 -18.23 12.15 3.42
N ASP B 324 -17.10 11.69 3.97
CA ASP B 324 -16.24 10.73 3.27
C ASP B 324 -16.52 9.34 3.84
N LEU B 325 -17.02 8.44 3.00
CA LEU B 325 -17.35 7.07 3.42
C LEU B 325 -16.21 6.08 3.30
N SER B 326 -15.16 6.29 4.09
CA SER B 326 -14.01 5.41 4.10
C SER B 326 -13.41 5.41 5.50
N SER B 327 -12.73 4.33 5.86
CA SER B 327 -12.14 4.22 7.18
C SER B 327 -10.80 3.48 7.14
N GLN B 328 -10.09 3.48 8.26
CA GLN B 328 -8.80 2.82 8.34
C GLN B 328 -8.79 1.77 9.45
N HIS B 329 -7.75 0.94 9.44
CA HIS B 329 -7.59 -0.10 10.44
C HIS B 329 -7.40 0.63 11.77
N LEU B 330 -6.68 1.75 11.71
CA LEU B 330 -6.39 2.58 12.88
C LEU B 330 -7.68 3.04 13.57
N THR B 331 -8.69 3.36 12.77
CA THR B 331 -9.97 3.83 13.28
C THR B 331 -10.70 2.83 14.16
N CYS B 332 -10.43 1.54 13.94
CA CYS B 332 -11.10 0.48 14.71
C CYS B 332 -10.84 0.47 16.21
N PHE B 333 -10.09 1.46 16.69
CA PHE B 333 -9.83 1.57 18.12
C PHE B 333 -11.12 2.13 18.74
N ASP B 334 -11.94 2.77 17.90
CA ASP B 334 -13.17 3.41 18.36
C ASP B 334 -14.14 2.57 19.19
N GLY B 335 -14.45 1.36 18.74
CA GLY B 335 -15.35 0.52 19.49
C GLY B 335 -14.89 0.38 20.93
N GLY B 336 -13.59 0.12 21.11
CA GLY B 336 -13.05 -0.02 22.44
C GLY B 336 -13.18 1.26 23.27
N SER B 337 -13.18 2.40 22.59
CA SER B 337 -13.29 3.67 23.29
C SER B 337 -14.73 3.87 23.77
N PHE B 338 -15.69 3.47 22.95
CA PHE B 338 -17.09 3.59 23.33
C PHE B 338 -17.43 2.58 24.41
N LEU B 339 -16.76 1.43 24.38
CA LEU B 339 -16.97 0.37 25.36
C LEU B 339 -16.41 0.80 26.71
N LEU B 340 -15.19 1.32 26.68
CA LEU B 340 -14.52 1.77 27.90
C LEU B 340 -15.32 2.93 28.51
N GLY B 341 -15.66 3.92 27.69
CA GLY B 341 -16.42 5.06 28.19
C GLY B 341 -17.83 4.68 28.61
N GLY B 342 -18.38 3.65 27.99
CA GLY B 342 -19.72 3.20 28.31
C GLY B 342 -19.83 2.47 29.63
N THR B 343 -18.83 1.64 29.94
CA THR B 343 -18.82 0.89 31.18
C THR B 343 -18.52 1.82 32.35
N VAL B 344 -17.57 2.72 32.15
CA VAL B 344 -17.17 3.66 33.19
C VAL B 344 -18.29 4.65 33.52
N LEU B 345 -18.88 5.25 32.49
CA LEU B 345 -19.96 6.21 32.71
C LEU B 345 -21.27 5.47 32.88
N ASP B 346 -21.23 4.16 32.66
CA ASP B 346 -22.41 3.31 32.77
C ASP B 346 -23.49 3.80 31.79
N ARG B 347 -23.07 4.08 30.56
CA ARG B 347 -23.97 4.53 29.50
C ARG B 347 -24.19 3.35 28.55
N GLN B 348 -25.33 2.68 28.69
CA GLN B 348 -25.64 1.53 27.84
C GLN B 348 -25.75 1.92 26.37
N ASP B 349 -26.11 3.16 26.10
CA ASP B 349 -26.22 3.63 24.72
C ASP B 349 -24.86 3.66 24.05
N PHE B 350 -23.82 3.94 24.84
CA PHE B 350 -22.46 3.98 24.30
C PHE B 350 -21.91 2.57 24.14
N ILE B 351 -22.26 1.68 25.07
CA ILE B 351 -21.78 0.30 25.01
C ILE B 351 -22.34 -0.47 23.82
N ASP B 352 -23.64 -0.30 23.55
CA ASP B 352 -24.26 -0.99 22.43
C ASP B 352 -23.74 -0.47 21.09
N PHE B 353 -23.38 0.80 21.05
CA PHE B 353 -22.85 1.39 19.82
C PHE B 353 -21.45 0.87 19.55
N GLY B 354 -20.63 0.81 20.60
CA GLY B 354 -19.27 0.31 20.46
C GLY B 354 -19.29 -1.11 19.94
N LEU B 355 -20.31 -1.86 20.32
CA LEU B 355 -20.44 -3.24 19.87
C LEU B 355 -20.77 -3.30 18.39
N GLU B 356 -21.46 -2.28 17.88
CA GLU B 356 -21.80 -2.24 16.46
C GLU B 356 -20.49 -1.98 15.71
N LEU B 357 -19.68 -1.06 16.26
CA LEU B 357 -18.40 -0.71 15.64
C LEU B 357 -17.46 -1.90 15.67
N VAL B 358 -17.54 -2.71 16.71
CA VAL B 358 -16.69 -3.89 16.83
C VAL B 358 -17.07 -4.91 15.76
N ASP B 359 -18.37 -5.08 15.53
CA ASP B 359 -18.82 -6.02 14.51
C ASP B 359 -18.37 -5.54 13.15
N GLY B 360 -18.45 -4.23 12.94
CA GLY B 360 -18.02 -3.66 11.67
C GLY B 360 -16.58 -4.01 11.37
N CYS B 361 -15.69 -3.80 12.33
CA CYS B 361 -14.29 -4.11 12.17
C CYS B 361 -14.05 -5.61 12.05
N GLU B 362 -14.85 -6.39 12.77
CA GLU B 362 -14.74 -7.85 12.71
C GLU B 362 -15.10 -8.31 11.29
N ALA B 363 -15.99 -7.57 10.64
CA ALA B 363 -16.43 -7.92 9.30
C ALA B 363 -15.31 -7.75 8.27
N THR B 364 -14.48 -6.71 8.44
CA THR B 364 -13.39 -6.48 7.50
C THR B 364 -12.33 -7.55 7.65
N TYR B 365 -12.32 -8.23 8.80
CA TYR B 365 -11.36 -9.28 9.07
C TYR B 365 -11.77 -10.65 8.54
N ASN B 366 -12.97 -11.11 8.87
CA ASN B 366 -13.40 -12.42 8.41
C ASN B 366 -13.95 -12.43 6.99
N SER B 367 -13.86 -11.29 6.29
CA SER B 367 -14.33 -11.20 4.92
C SER B 367 -13.20 -11.34 3.91
N THR B 368 -11.96 -11.19 4.38
CA THR B 368 -10.79 -11.32 3.52
C THR B 368 -10.33 -12.77 3.46
N LEU B 369 -9.49 -13.07 2.48
CA LEU B 369 -8.97 -14.41 2.29
C LEU B 369 -8.14 -14.89 3.48
N THR B 370 -7.18 -14.07 3.94
CA THR B 370 -6.31 -14.44 5.06
C THR B 370 -6.99 -14.34 6.42
N LYS B 371 -8.18 -13.75 6.46
CA LYS B 371 -8.91 -13.58 7.72
C LYS B 371 -8.31 -12.43 8.52
N ILE B 372 -7.64 -11.52 7.81
CA ILE B 372 -7.02 -10.34 8.41
C ILE B 372 -7.58 -9.14 7.65
N GLY B 373 -7.94 -8.09 8.37
CA GLY B 373 -8.52 -6.92 7.71
C GLY B 373 -7.52 -6.06 6.97
N PRO B 374 -7.99 -5.20 6.03
CA PRO B 374 -7.16 -4.30 5.24
C PRO B 374 -6.81 -3.03 6.01
N ASP B 375 -5.75 -2.35 5.56
CA ASP B 375 -5.30 -1.13 6.20
C ASP B 375 -6.33 -0.01 6.05
N SER B 376 -7.08 -0.04 4.95
CA SER B 376 -8.10 0.96 4.69
C SER B 376 -9.16 0.39 3.75
N TRP B 377 -10.37 0.93 3.84
CA TRP B 377 -11.47 0.46 3.01
C TRP B 377 -12.52 1.54 2.80
N GLY B 378 -13.45 1.28 1.89
CA GLY B 378 -14.50 2.23 1.62
C GLY B 378 -15.81 1.52 1.32
N TRP B 379 -16.90 2.28 1.30
CA TRP B 379 -18.20 1.72 1.01
C TRP B 379 -19.03 2.75 0.26
N ASP B 380 -18.35 3.71 -0.34
CA ASP B 380 -19.01 4.76 -1.11
C ASP B 380 -19.56 4.12 -2.38
N PRO B 381 -20.88 4.19 -2.58
CA PRO B 381 -21.53 3.60 -3.76
C PRO B 381 -20.97 4.10 -5.09
N LYS B 382 -20.77 5.41 -5.19
CA LYS B 382 -20.24 6.02 -6.41
C LYS B 382 -18.78 5.76 -6.68
N LYS B 383 -18.11 4.98 -5.83
CA LYS B 383 -16.69 4.72 -6.03
C LYS B 383 -16.28 3.25 -5.89
N VAL B 384 -17.23 2.34 -6.04
CA VAL B 384 -16.92 0.92 -5.91
C VAL B 384 -16.13 0.45 -7.14
N PRO B 385 -14.88 0.00 -6.93
CA PRO B 385 -14.06 -0.49 -8.05
C PRO B 385 -14.79 -1.57 -8.84
N SER B 386 -14.45 -1.69 -10.11
CA SER B 386 -15.07 -2.68 -10.98
C SER B 386 -14.66 -4.10 -10.64
N ASP B 387 -13.40 -4.29 -10.27
CA ASP B 387 -12.88 -5.60 -9.92
C ASP B 387 -13.28 -6.06 -8.52
N GLN B 388 -13.91 -5.17 -7.76
CA GLN B 388 -14.35 -5.49 -6.41
C GLN B 388 -15.86 -5.35 -6.25
N LYS B 389 -16.55 -5.12 -7.36
CA LYS B 389 -18.00 -4.97 -7.36
C LYS B 389 -18.70 -6.14 -6.69
N GLU B 390 -18.20 -7.35 -6.92
CA GLU B 390 -18.80 -8.55 -6.33
C GLU B 390 -18.45 -8.66 -4.85
N PHE B 391 -17.24 -8.23 -4.49
CA PHE B 391 -16.79 -8.28 -3.10
C PHE B 391 -17.69 -7.35 -2.29
N TYR B 392 -17.72 -6.09 -2.71
CA TYR B 392 -18.53 -5.07 -2.04
C TYR B 392 -19.98 -5.53 -1.94
N GLU B 393 -20.40 -6.31 -2.94
CA GLU B 393 -21.76 -6.82 -3.00
C GLU B 393 -22.10 -7.58 -1.72
N LYS B 394 -21.26 -8.56 -1.37
CA LYS B 394 -21.52 -9.36 -0.18
C LYS B 394 -20.79 -8.93 1.10
N ALA B 395 -19.60 -8.36 0.95
CA ALA B 395 -18.83 -7.92 2.12
C ALA B 395 -19.33 -6.60 2.68
N GLY B 396 -19.77 -5.71 1.80
CA GLY B 396 -20.26 -4.42 2.25
C GLY B 396 -19.21 -3.33 2.21
N PHE B 397 -18.09 -3.62 1.55
CA PHE B 397 -17.01 -2.66 1.44
C PHE B 397 -15.99 -3.12 0.41
N TYR B 398 -15.13 -2.21 -0.02
CA TYR B 398 -14.08 -2.54 -0.98
C TYR B 398 -12.74 -2.17 -0.38
N ILE B 399 -11.75 -3.02 -0.59
CA ILE B 399 -10.41 -2.78 -0.07
C ILE B 399 -9.75 -1.61 -0.79
N SER B 400 -9.30 -0.64 -0.02
CA SER B 400 -8.64 0.55 -0.54
C SER B 400 -7.12 0.36 -0.45
N SER B 401 -6.71 -0.53 0.45
CA SER B 401 -5.31 -0.87 0.66
C SER B 401 -5.32 -2.19 1.42
N GLY B 402 -4.83 -3.25 0.79
CA GLY B 402 -4.85 -4.55 1.43
C GLY B 402 -3.66 -4.98 2.25
N SER B 403 -2.81 -4.04 2.65
CA SER B 403 -1.64 -4.40 3.44
C SER B 403 -1.99 -4.43 4.93
N TYR B 404 -1.26 -5.24 5.67
CA TYR B 404 -1.44 -5.33 7.11
C TYR B 404 -0.06 -5.15 7.71
N VAL B 405 0.11 -4.06 8.44
CA VAL B 405 1.40 -3.77 9.04
C VAL B 405 1.47 -4.10 10.53
N LEU B 406 0.91 -5.27 10.87
CA LEU B 406 0.89 -5.76 12.24
C LEU B 406 0.19 -4.81 13.20
N ARG B 407 -0.87 -4.15 12.75
CA ARG B 407 -1.59 -3.23 13.61
C ARG B 407 -2.46 -3.98 14.61
N PRO B 408 -2.73 -3.36 15.77
CA PRO B 408 -3.53 -3.97 16.83
C PRO B 408 -4.93 -3.43 17.13
N GLU B 409 -5.32 -2.33 16.50
CA GLU B 409 -6.63 -1.71 16.77
C GLU B 409 -7.85 -2.62 16.80
N VAL B 410 -7.88 -3.63 15.93
CA VAL B 410 -9.03 -4.51 15.88
C VAL B 410 -9.03 -5.46 17.08
N ILE B 411 -7.90 -6.13 17.31
CA ILE B 411 -7.81 -7.04 18.45
C ILE B 411 -8.02 -6.23 19.74
N GLU B 412 -7.55 -4.98 19.75
CA GLU B 412 -7.73 -4.12 20.92
C GLU B 412 -9.22 -3.99 21.27
N SER B 413 -10.04 -3.59 20.29
CA SER B 413 -11.45 -3.42 20.56
C SER B 413 -12.15 -4.73 20.91
N PHE B 414 -11.67 -5.83 20.35
CA PHE B 414 -12.25 -7.13 20.66
C PHE B 414 -12.04 -7.38 22.14
N TYR B 415 -10.84 -7.05 22.61
CA TYR B 415 -10.48 -7.22 24.01
C TYR B 415 -11.44 -6.48 24.93
N TYR B 416 -11.67 -5.20 24.66
CA TYR B 416 -12.59 -4.44 25.49
C TYR B 416 -13.97 -5.07 25.48
N ALA B 417 -14.39 -5.54 24.31
CA ALA B 417 -15.70 -6.17 24.18
C ALA B 417 -15.80 -7.36 25.12
N HIS B 418 -14.75 -8.17 25.18
CA HIS B 418 -14.78 -9.34 26.05
C HIS B 418 -14.86 -8.95 27.51
N ARG B 419 -13.98 -8.03 27.92
CA ARG B 419 -13.96 -7.59 29.31
C ARG B 419 -15.26 -6.94 29.75
N VAL B 420 -15.83 -6.10 28.89
CA VAL B 420 -17.07 -5.41 29.21
C VAL B 420 -18.32 -6.28 29.21
N THR B 421 -18.50 -7.09 28.18
CA THR B 421 -19.68 -7.94 28.06
C THR B 421 -19.52 -9.32 28.71
N GLY B 422 -18.29 -9.82 28.73
CA GLY B 422 -18.07 -11.14 29.31
C GLY B 422 -18.36 -12.23 28.30
N LYS B 423 -18.95 -11.84 27.17
CA LYS B 423 -19.30 -12.79 26.11
C LYS B 423 -18.05 -13.50 25.58
N GLU B 424 -18.16 -14.80 25.34
CA GLU B 424 -17.03 -15.58 24.86
C GLU B 424 -16.74 -15.37 23.36
N ILE B 425 -17.74 -14.92 22.62
CA ILE B 425 -17.57 -14.72 21.19
C ILE B 425 -16.44 -13.74 20.85
N TYR B 426 -16.31 -12.67 21.63
CA TYR B 426 -15.26 -11.68 21.37
C TYR B 426 -13.87 -12.25 21.66
N ARG B 427 -13.78 -13.15 22.62
CA ARG B 427 -12.50 -13.77 22.96
C ARG B 427 -12.11 -14.69 21.80
N ASP B 428 -13.13 -15.21 21.11
CA ASP B 428 -12.91 -16.10 19.97
C ASP B 428 -12.37 -15.29 18.78
N TRP B 429 -12.94 -14.11 18.56
CA TRP B 429 -12.52 -13.26 17.46
C TRP B 429 -11.07 -12.79 17.62
N VAL B 430 -10.58 -12.76 18.85
CA VAL B 430 -9.20 -12.37 19.13
C VAL B 430 -8.31 -13.54 18.74
N TRP B 431 -8.74 -14.74 19.09
CA TRP B 431 -7.98 -15.95 18.80
C TRP B 431 -7.89 -16.22 17.29
N ASN B 432 -9.01 -16.02 16.59
CA ASN B 432 -9.03 -16.26 15.16
C ASN B 432 -8.10 -15.28 14.45
N ALA B 433 -8.04 -14.06 14.96
CA ALA B 433 -7.16 -13.04 14.38
C ALA B 433 -5.71 -13.40 14.65
N PHE B 434 -5.41 -13.76 15.89
CA PHE B 434 -4.05 -14.13 16.27
C PHE B 434 -3.54 -15.31 15.45
N VAL B 435 -4.40 -16.30 15.24
CA VAL B 435 -4.03 -17.48 14.45
C VAL B 435 -3.73 -17.08 13.02
N ALA B 436 -4.60 -16.25 12.45
CA ALA B 436 -4.43 -15.79 11.07
C ALA B 436 -3.09 -15.06 10.96
N ILE B 437 -2.80 -14.20 11.94
CA ILE B 437 -1.56 -13.45 11.95
C ILE B 437 -0.35 -14.39 12.07
N ASN B 438 -0.45 -15.39 12.95
CA ASN B 438 0.66 -16.32 13.14
C ASN B 438 1.01 -17.17 11.92
N SER B 439 0.02 -17.56 11.13
CA SER B 439 0.31 -18.38 9.97
C SER B 439 0.64 -17.54 8.74
N THR B 440 0.08 -16.33 8.65
CA THR B 440 0.31 -15.46 7.51
C THR B 440 1.56 -14.58 7.59
N CYS B 441 1.85 -14.05 8.79
CA CYS B 441 2.98 -13.14 8.97
C CYS B 441 4.27 -13.70 9.56
N ARG B 442 4.21 -14.89 10.15
CA ARG B 442 5.39 -15.46 10.77
C ARG B 442 6.55 -15.83 9.85
N THR B 443 7.75 -15.45 10.25
CA THR B 443 8.96 -15.78 9.50
C THR B 443 9.89 -16.52 10.47
N ASP B 444 11.09 -16.87 10.03
CA ASP B 444 12.01 -17.60 10.91
C ASP B 444 12.46 -16.77 12.12
N SER B 445 12.63 -15.47 11.92
CA SER B 445 13.08 -14.60 13.00
C SER B 445 12.00 -13.87 13.76
N GLY B 446 10.83 -13.72 13.14
CA GLY B 446 9.75 -13.03 13.83
C GLY B 446 8.47 -12.93 13.02
N PHE B 447 7.96 -11.72 12.90
CA PHE B 447 6.73 -11.46 12.15
C PHE B 447 6.94 -10.29 11.20
N ALA B 448 6.30 -10.35 10.04
CA ALA B 448 6.44 -9.29 9.05
C ALA B 448 5.10 -8.81 8.53
N ALA B 449 5.08 -7.57 8.04
CA ALA B 449 3.88 -6.99 7.47
C ALA B 449 3.70 -7.69 6.14
N VAL B 450 2.48 -7.73 5.63
CA VAL B 450 2.20 -8.36 4.35
C VAL B 450 1.50 -7.36 3.45
N SER B 451 1.71 -7.51 2.14
CA SER B 451 1.15 -6.61 1.14
C SER B 451 -0.33 -6.74 0.81
N ASP B 452 -0.89 -7.95 0.83
CA ASP B 452 -2.30 -8.11 0.49
C ASP B 452 -3.03 -9.13 1.36
N VAL B 453 -3.89 -8.64 2.26
CA VAL B 453 -4.63 -9.53 3.16
C VAL B 453 -5.66 -10.38 2.43
N ASN B 454 -5.91 -10.08 1.16
CA ASN B 454 -6.91 -10.83 0.41
C ASN B 454 -6.33 -11.79 -0.61
N LYS B 455 -5.04 -12.09 -0.48
CA LYS B 455 -4.38 -13.02 -1.39
C LYS B 455 -3.71 -14.11 -0.57
N ALA B 456 -3.59 -15.29 -1.15
CA ALA B 456 -2.96 -16.40 -0.46
C ALA B 456 -1.64 -15.98 0.16
N ASN B 457 -1.46 -16.28 1.45
CA ASN B 457 -0.24 -15.96 2.18
C ASN B 457 0.00 -14.46 2.37
N GLY B 458 -1.04 -13.67 2.22
CA GLY B 458 -0.91 -12.23 2.40
C GLY B 458 -0.18 -11.50 1.29
N GLY B 459 0.12 -12.20 0.20
CA GLY B 459 0.83 -11.58 -0.91
C GLY B 459 2.32 -11.66 -0.70
N SER B 460 2.96 -10.52 -0.47
CA SER B 460 4.40 -10.48 -0.24
C SER B 460 4.68 -9.91 1.14
N LYS B 461 5.73 -10.38 1.78
CA LYS B 461 6.10 -9.87 3.09
C LYS B 461 6.97 -8.63 2.94
N TYR B 462 6.79 -7.68 3.85
CA TYR B 462 7.59 -6.45 3.91
C TYR B 462 8.72 -6.80 4.86
N ASP B 463 9.86 -6.15 4.72
CA ASP B 463 10.97 -6.42 5.63
C ASP B 463 10.80 -5.40 6.77
N ASN B 464 9.70 -5.54 7.50
CA ASN B 464 9.38 -4.62 8.58
C ASN B 464 8.60 -5.25 9.73
N GLN B 465 9.03 -4.94 10.95
CA GLN B 465 8.37 -5.43 12.16
C GLN B 465 8.39 -4.29 13.18
N GLU B 466 7.30 -3.53 13.22
CA GLU B 466 7.16 -2.39 14.13
C GLU B 466 7.18 -2.82 15.59
N SER B 467 7.71 -1.97 16.46
CA SER B 467 7.78 -2.30 17.87
C SER B 467 6.41 -2.60 18.49
N PHE B 468 5.34 -2.06 17.92
CA PHE B 468 4.03 -2.33 18.49
C PHE B 468 3.56 -3.78 18.35
N LEU B 469 4.37 -4.62 17.72
CA LEU B 469 4.07 -6.04 17.60
C LEU B 469 4.24 -6.57 19.02
N PHE B 470 5.32 -6.17 19.68
CA PHE B 470 5.61 -6.60 21.05
C PHE B 470 4.69 -5.93 22.06
N ALA B 471 4.51 -4.62 21.90
CA ALA B 471 3.69 -3.85 22.83
C ALA B 471 2.19 -4.08 22.78
N GLU B 472 1.62 -4.17 21.58
CA GLU B 472 0.18 -4.30 21.48
C GLU B 472 -0.40 -5.62 20.98
N VAL B 473 -0.03 -6.04 19.77
CA VAL B 473 -0.58 -7.27 19.22
C VAL B 473 -0.46 -8.43 20.21
N MET B 474 0.76 -8.64 20.73
CA MET B 474 1.02 -9.72 21.68
C MET B 474 0.36 -9.54 23.06
N LYS B 475 0.31 -8.31 23.54
CA LYS B 475 -0.30 -8.07 24.84
C LYS B 475 -1.81 -8.30 24.82
N TYR B 476 -2.51 -7.61 23.93
CA TYR B 476 -3.96 -7.78 23.84
C TYR B 476 -4.39 -9.22 23.58
N SER B 477 -3.60 -9.93 22.79
CA SER B 477 -3.89 -11.32 22.47
C SER B 477 -3.73 -12.18 23.72
N TYR B 478 -2.73 -11.86 24.52
CA TYR B 478 -2.46 -12.59 25.75
C TYR B 478 -3.55 -12.31 26.79
N LEU B 479 -3.76 -11.04 27.11
CA LEU B 479 -4.77 -10.64 28.07
C LEU B 479 -6.14 -11.27 27.83
N ALA B 480 -6.55 -11.37 26.57
CA ALA B 480 -7.86 -11.94 26.25
C ALA B 480 -8.05 -13.36 26.75
N HIS B 481 -6.95 -14.08 26.97
CA HIS B 481 -7.03 -15.47 27.43
C HIS B 481 -6.32 -15.75 28.76
N SER B 482 -5.66 -14.75 29.32
CA SER B 482 -4.94 -14.95 30.58
C SER B 482 -5.85 -14.69 31.78
N GLU B 483 -5.36 -14.98 32.96
CA GLU B 483 -6.14 -14.79 34.18
C GLU B 483 -6.35 -13.33 34.55
N ASP B 484 -7.45 -13.07 35.25
CA ASP B 484 -7.79 -11.72 35.68
C ASP B 484 -6.65 -11.18 36.53
N ALA B 485 -6.47 -9.87 36.49
CA ALA B 485 -5.42 -9.20 37.26
C ALA B 485 -5.77 -7.73 37.27
N ALA B 486 -5.03 -6.97 38.07
CA ALA B 486 -5.28 -5.54 38.18
C ALA B 486 -5.02 -4.82 36.86
N TRP B 487 -4.08 -5.32 36.09
CA TRP B 487 -3.76 -4.70 34.82
C TRP B 487 -4.79 -4.99 33.72
N GLN B 488 -5.79 -5.79 34.04
CA GLN B 488 -6.85 -6.13 33.08
C GLN B 488 -7.88 -5.01 33.08
N VAL B 489 -8.48 -4.75 31.93
CA VAL B 489 -9.52 -3.72 31.86
C VAL B 489 -10.71 -4.24 32.68
N GLN B 490 -11.33 -3.37 33.45
CA GLN B 490 -12.44 -3.76 34.30
C GLN B 490 -13.69 -2.97 33.93
N LYS B 491 -14.83 -3.41 34.46
CA LYS B 491 -16.10 -2.75 34.21
C LYS B 491 -16.36 -1.65 35.25
N GLY B 492 -17.29 -0.75 34.94
CA GLY B 492 -17.62 0.33 35.85
C GLY B 492 -16.42 1.12 36.36
N GLY B 493 -16.40 1.38 37.66
CA GLY B 493 -15.31 2.13 38.25
C GLY B 493 -14.26 1.27 38.91
N LYS B 494 -14.12 0.03 38.44
CA LYS B 494 -13.16 -0.91 39.00
C LYS B 494 -11.73 -0.80 38.46
N ASN B 495 -11.52 0.05 37.45
CA ASN B 495 -10.19 0.18 36.87
C ASN B 495 -9.12 0.81 37.76
N THR B 496 -7.98 0.14 37.84
CA THR B 496 -6.84 0.61 38.62
C THR B 496 -5.72 0.99 37.65
N PHE B 497 -5.82 0.49 36.43
CA PHE B 497 -4.84 0.81 35.39
C PHE B 497 -5.58 1.37 34.19
N VAL B 498 -4.85 2.13 33.38
CA VAL B 498 -5.40 2.72 32.18
C VAL B 498 -4.35 2.50 31.10
N TYR B 499 -4.77 2.04 29.94
CA TYR B 499 -3.84 1.79 28.86
C TYR B 499 -3.55 3.03 28.04
N ASN B 500 -2.26 3.29 27.81
CA ASN B 500 -1.88 4.42 26.99
C ASN B 500 -2.19 3.94 25.58
N THR B 501 -1.94 4.78 24.57
CA THR B 501 -2.25 4.41 23.19
C THR B 501 -1.36 3.32 22.58
N GLU B 502 -0.30 2.93 23.26
CA GLU B 502 0.60 1.89 22.76
C GLU B 502 0.46 0.63 23.60
N ALA B 503 -0.70 0.49 24.25
CA ALA B 503 -0.99 -0.67 25.09
C ALA B 503 -0.08 -0.79 26.32
N HIS B 504 0.35 0.35 26.87
CA HIS B 504 1.19 0.34 28.07
C HIS B 504 0.30 0.73 29.23
N PRO B 505 0.03 -0.22 30.15
CA PRO B 505 -0.81 -0.01 31.32
C PRO B 505 -0.21 0.99 32.30
N ILE B 506 -0.92 2.08 32.54
CA ILE B 506 -0.48 3.11 33.46
C ILE B 506 -1.40 3.14 34.67
N SER B 507 -0.81 3.13 35.86
CA SER B 507 -1.58 3.16 37.11
C SER B 507 -2.39 4.45 37.22
N VAL B 508 -3.62 4.34 37.70
CA VAL B 508 -4.48 5.52 37.85
C VAL B 508 -3.97 6.38 38.98
N ALA B 509 -4.43 7.63 39.03
CA ALA B 509 -4.02 8.56 40.07
C ALA B 509 -4.28 8.04 41.47
N ARG B 510 -3.44 8.47 42.41
CA ARG B 510 -3.55 8.07 43.81
C ARG B 510 -3.12 6.62 44.00
#